data_2ZA5
#
_entry.id   2ZA5
#
_cell.length_a   82.678
_cell.length_b   82.678
_cell.length_c   170.284
_cell.angle_alpha   90.000
_cell.angle_beta   90.000
_cell.angle_gamma   90.000
#
_symmetry.space_group_name_H-M   'P 41'
#
loop_
_entity.id
_entity.type
_entity.pdbx_description
1 polymer 'Tryptase beta 2'
2 non-polymer "(5-(aminomethyl)-2H-spiro[benzofuran-3,4'-piperidine]-1'-yl)(5-(phenylethynyl)furan-2-yl)methanone"
3 water water
#
_entity_poly.entity_id   1
_entity_poly.type   'polypeptide(L)'
_entity_poly.pdbx_seq_one_letter_code
;IVGGQEAPRSKWPWQVSLRVHGPYWMHFCGGSLIHPQWVLTAAHCVGPDVKDLAALRVQLREQHLYYQDQLLPVSRIIVH
PQFYTAQIGADIALLELEEPVKVSSHVHTVTLPPASETFPPGMPCWVTGWGDVDNDERLPPPFPLKQVKVPIMENHICDA
KYHLGAYTGDDVRIVRDDMLCAGNTRRDSCQGDSGGPLVCKVNGTWLQAGVVSWGEGCAQPNRPGIYTRVTYYLDWIHHY
VPKKP
;
_entity_poly.pdbx_strand_id   A,B,C,D
#
loop_
_chem_comp.id
_chem_comp.type
_chem_comp.name
_chem_comp.formula
2FF non-polymer (5-(aminomethyl)-2H-spiro[benzofuran-3,4'-piperidine]-1'-yl)(5-(phenylethynyl)furan-2-yl)methanone 'C26 H24 N2 O3'
#
# COMPACT_ATOMS: atom_id res chain seq x y z
N ILE A 1 1.75 -21.12 -6.07
CA ILE A 1 1.90 -21.99 -7.24
C ILE A 1 1.40 -21.28 -8.49
N VAL A 2 2.23 -21.22 -9.53
CA VAL A 2 1.86 -20.57 -10.77
C VAL A 2 1.39 -21.63 -11.80
N GLY A 3 0.27 -21.37 -12.45
CA GLY A 3 -0.32 -22.38 -13.31
C GLY A 3 -0.89 -23.46 -12.43
N GLY A 4 -0.96 -24.69 -12.93
CA GLY A 4 -1.50 -25.77 -12.10
C GLY A 4 -2.91 -25.58 -11.53
N GLN A 5 -3.25 -26.41 -10.54
CA GLN A 5 -4.63 -26.45 -10.09
C GLN A 5 -4.75 -26.86 -8.64
N GLU A 6 -5.99 -26.82 -8.15
CA GLU A 6 -6.27 -27.25 -6.78
C GLU A 6 -5.97 -28.74 -6.62
N ALA A 7 -5.35 -29.11 -5.51
CA ALA A 7 -4.97 -30.50 -5.29
C ALA A 7 -6.18 -31.29 -4.85
N PRO A 8 -6.25 -32.58 -5.23
CA PRO A 8 -7.28 -33.48 -4.68
C PRO A 8 -7.02 -33.71 -3.20
N ARG A 9 -8.08 -33.98 -2.42
CA ARG A 9 -7.94 -34.12 -0.96
C ARG A 9 -7.03 -35.28 -0.57
N SER A 10 -6.94 -36.28 -1.42
CA SER A 10 -6.10 -37.44 -1.11
C SER A 10 -4.59 -37.14 -1.22
N LYS A 11 -4.21 -36.24 -2.13
CA LYS A 11 -2.81 -36.09 -2.51
C LYS A 11 -1.98 -35.20 -1.61
N TRP A 12 -0.67 -35.45 -1.60
CA TRP A 12 0.30 -34.66 -0.83
C TRP A 12 0.05 -34.65 0.68
N PRO A 13 -0.12 -35.83 1.28
CA PRO A 13 -0.41 -35.90 2.72
C PRO A 13 0.70 -35.31 3.60
N TRP A 14 1.88 -35.10 3.01
CA TRP A 14 3.04 -34.62 3.78
C TRP A 14 3.17 -33.09 3.80
N GLN A 15 2.42 -32.42 2.93
CA GLN A 15 2.45 -30.96 2.88
C GLN A 15 2.06 -30.36 4.24
N VAL A 16 2.87 -29.44 4.76
CA VAL A 16 2.49 -28.69 5.96
C VAL A 16 2.58 -27.18 5.67
N SER A 17 1.95 -26.38 6.52
CA SER A 17 2.00 -24.93 6.39
C SER A 17 2.59 -24.30 7.66
N LEU A 18 3.50 -23.34 7.48
CA LEU A 18 4.14 -22.67 8.61
C LEU A 18 3.40 -21.37 8.94
N ARG A 19 3.17 -21.15 10.23
CA ARG A 19 2.32 -20.03 10.67
C ARG A 19 3.08 -19.16 11.63
N VAL A 20 2.92 -17.85 11.47
CA VAL A 20 3.58 -16.90 12.33
C VAL A 20 2.53 -16.15 13.13
N HIS A 21 2.81 -15.93 14.39
CA HIS A 21 1.83 -15.33 15.28
C HIS A 21 1.62 -13.87 14.94
N GLY A 22 0.36 -13.48 14.77
CA GLY A 22 0.05 -12.07 14.60
C GLY A 22 -1.42 -11.83 14.89
N PRO A 23 -2.05 -10.95 14.12
CA PRO A 23 -3.49 -10.72 14.19
C PRO A 23 -4.24 -12.03 13.96
N TYR A 24 -3.60 -12.95 13.24
CA TYR A 24 -4.05 -14.33 13.14
C TYR A 24 -2.82 -15.17 12.86
N TRP A 25 -2.93 -16.49 12.96
CA TRP A 25 -1.79 -17.37 12.67
C TRP A 25 -1.56 -17.50 11.16
N MET A 26 -0.84 -16.54 10.61
CA MET A 26 -0.72 -16.37 9.18
C MET A 26 0.28 -17.31 8.54
N HIS A 27 -0.10 -17.86 7.39
CA HIS A 27 0.78 -18.74 6.64
C HIS A 27 1.92 -17.93 6.05
N PHE A 28 3.16 -18.40 6.22
CA PHE A 28 4.31 -17.76 5.58
C PHE A 28 5.21 -18.68 4.73
N CYS A 29 5.27 -19.97 5.05
CA CYS A 29 6.11 -20.90 4.26
C CYS A 29 5.51 -22.30 4.22
N GLY A 30 5.94 -23.10 3.26
CA GLY A 30 5.58 -24.49 3.23
C GLY A 30 6.57 -25.37 3.97
N GLY A 31 6.31 -26.66 3.97
CA GLY A 31 7.18 -27.65 4.60
C GLY A 31 6.64 -29.03 4.27
N SER A 32 7.38 -30.06 4.66
CA SER A 32 6.92 -31.43 4.44
C SER A 32 7.20 -32.30 5.67
N LEU A 33 6.24 -33.17 5.99
CA LEU A 33 6.44 -34.11 7.08
C LEU A 33 7.32 -35.25 6.56
N ILE A 34 8.52 -35.36 7.09
CA ILE A 34 9.46 -36.39 6.63
C ILE A 34 9.66 -37.46 7.73
N HIS A 35 9.01 -37.22 8.86
CA HIS A 35 9.08 -38.09 10.02
C HIS A 35 8.01 -37.58 10.97
N PRO A 36 7.31 -38.50 11.65
CA PRO A 36 6.16 -38.11 12.47
C PRO A 36 6.47 -36.99 13.43
N GLN A 37 7.73 -36.76 13.77
CA GLN A 37 8.04 -35.63 14.62
C GLN A 37 8.96 -34.58 13.97
N TRP A 38 9.18 -34.69 12.66
CA TRP A 38 10.08 -33.76 11.99
C TRP A 38 9.54 -33.23 10.68
N VAL A 39 9.74 -31.92 10.48
CA VAL A 39 9.30 -31.22 9.28
C VAL A 39 10.52 -30.64 8.55
N LEU A 40 10.65 -30.93 7.28
CA LEU A 40 11.73 -30.37 6.46
C LEU A 40 11.21 -29.07 5.86
N THR A 41 11.99 -27.99 5.96
CA THR A 41 11.61 -26.70 5.37
C THR A 41 12.84 -25.95 4.81
N ALA A 42 12.64 -24.69 4.39
CA ALA A 42 13.75 -23.88 3.90
C ALA A 42 14.34 -23.04 5.03
N ALA A 43 15.67 -22.99 5.10
CA ALA A 43 16.33 -22.15 6.10
C ALA A 43 15.89 -20.68 6.05
N HIS A 44 15.61 -20.15 4.85
CA HIS A 44 15.31 -18.71 4.74
C HIS A 44 13.92 -18.38 5.27
N CYS A 45 13.14 -19.43 5.54
CA CYS A 45 11.83 -19.28 6.18
C CYS A 45 11.98 -18.94 7.66
N VAL A 46 13.07 -19.38 8.27
CA VAL A 46 13.25 -19.25 9.70
C VAL A 46 14.56 -18.60 10.12
N GLY A 47 15.40 -18.27 9.15
CA GLY A 47 16.70 -17.68 9.44
C GLY A 47 17.07 -16.58 8.45
N PRO A 48 18.29 -16.04 8.55
CA PRO A 48 19.33 -16.55 9.45
C PRO A 48 19.17 -16.04 10.89
N ASP A 49 18.34 -15.04 11.10
CA ASP A 49 18.13 -14.55 12.47
C ASP A 49 17.33 -15.58 13.29
N VAL A 50 17.74 -15.78 14.54
CA VAL A 50 17.07 -16.67 15.47
C VAL A 50 15.79 -16.00 15.92
N LYS A 51 14.67 -16.66 15.78
CA LYS A 51 13.40 -16.07 16.21
C LYS A 51 12.81 -16.89 17.35
N ASP A 52 11.77 -16.34 17.98
CA ASP A 52 11.07 -16.99 19.08
C ASP A 52 10.25 -18.21 18.65
N LEU A 53 10.54 -19.38 19.22
CA LEU A 53 9.75 -20.59 19.00
C LEU A 53 8.25 -20.45 19.26
N ALA A 54 7.89 -19.56 20.17
CA ALA A 54 6.49 -19.43 20.57
C ALA A 54 5.72 -18.65 19.53
N ALA A 55 6.45 -18.01 18.63
CA ALA A 55 5.84 -17.23 17.57
C ALA A 55 5.57 -18.08 16.34
N LEU A 56 5.85 -19.37 16.44
CA LEU A 56 5.74 -20.23 15.29
C LEU A 56 4.82 -21.40 15.57
N ARG A 57 4.09 -21.86 14.55
CA ARG A 57 3.27 -23.06 14.65
C ARG A 57 3.29 -23.81 13.33
N VAL A 58 3.02 -25.12 13.39
CA VAL A 58 2.91 -25.93 12.19
C VAL A 58 1.46 -26.42 12.02
N GLN A 59 0.93 -26.27 10.81
CA GLN A 59 -0.35 -26.85 10.44
C GLN A 59 -0.11 -28.00 9.47
N LEU A 60 -0.64 -29.20 9.78
CA LEU A 60 -0.49 -30.36 8.90
C LEU A 60 -1.47 -30.29 7.73
N ARG A 61 -1.36 -31.23 6.80
CA ARG A 61 -2.14 -31.21 5.55
C ARG A 61 -3.56 -30.73 5.79
N GLU A 62 -3.99 -29.79 4.97
CA GLU A 62 -5.25 -29.10 5.16
C GLU A 62 -5.65 -28.67 3.74
N GLN A 63 -6.90 -28.92 3.35
CA GLN A 63 -7.32 -28.58 1.99
C GLN A 63 -7.41 -27.06 1.76
N HIS A 64 -7.94 -26.33 2.74
CA HIS A 64 -8.02 -24.87 2.68
C HIS A 64 -7.40 -24.24 3.92
N LEU A 65 -6.42 -23.35 3.71
CA LEU A 65 -5.79 -22.62 4.81
C LEU A 65 -6.82 -22.00 5.76
N TYR A 66 -6.53 -22.07 7.06
CA TYR A 66 -7.28 -21.35 8.07
C TYR A 66 -8.64 -21.97 8.43
N TYR A 67 -9.20 -22.75 7.52
CA TYR A 67 -10.58 -23.21 7.74
C TYR A 67 -10.74 -24.09 8.99
N GLN A 68 -9.95 -25.15 9.09
CA GLN A 68 -10.09 -26.07 10.22
C GLN A 68 -8.74 -26.28 10.90
N ASP A 69 -8.13 -25.18 11.27
CA ASP A 69 -6.80 -25.19 11.83
C ASP A 69 -6.69 -26.08 13.07
N GLN A 70 -5.58 -26.79 13.16
CA GLN A 70 -5.13 -27.50 14.36
C GLN A 70 -3.62 -27.31 14.45
N LEU A 71 -3.22 -26.22 15.09
CA LEU A 71 -1.83 -25.77 15.06
C LEU A 71 -0.96 -26.50 16.06
N LEU A 72 0.24 -26.85 15.63
CA LEU A 72 1.16 -27.66 16.42
C LEU A 72 2.41 -26.89 16.84
N PRO A 73 2.68 -26.84 18.15
CA PRO A 73 3.86 -26.14 18.67
C PRO A 73 5.14 -26.87 18.27
N VAL A 74 6.24 -26.15 18.17
CA VAL A 74 7.52 -26.69 17.71
C VAL A 74 8.49 -26.63 18.88
N SER A 75 9.27 -27.69 19.08
CA SER A 75 10.14 -27.74 20.26
C SER A 75 11.52 -27.22 19.97
N ARG A 76 11.98 -27.39 18.72
CA ARG A 76 13.24 -26.75 18.31
C ARG A 76 13.40 -26.56 16.80
N ILE A 77 14.15 -25.52 16.44
CA ILE A 77 14.40 -25.15 15.04
C ILE A 77 15.88 -25.35 14.73
N ILE A 78 16.16 -26.17 13.73
CA ILE A 78 17.54 -26.46 13.34
C ILE A 78 17.81 -25.97 11.92
N VAL A 79 18.62 -24.93 11.81
CA VAL A 79 18.98 -24.38 10.52
C VAL A 79 20.40 -24.78 10.16
N HIS A 80 20.61 -25.20 8.92
CA HIS A 80 21.95 -25.55 8.50
C HIS A 80 22.93 -24.41 8.76
N PRO A 81 24.05 -24.71 9.43
CA PRO A 81 25.05 -23.72 9.82
C PRO A 81 25.67 -22.95 8.64
N GLN A 82 25.62 -23.51 7.42
CA GLN A 82 26.19 -22.80 6.28
C GLN A 82 25.25 -21.73 5.72
N PHE A 83 24.02 -21.70 6.22
CA PHE A 83 23.06 -20.82 5.59
C PHE A 83 23.07 -19.39 6.08
N TYR A 84 23.04 -18.44 5.13
CA TYR A 84 22.58 -17.08 5.46
C TYR A 84 21.92 -16.33 4.30
N THR A 85 22.06 -16.83 3.08
CA THR A 85 21.19 -16.36 1.99
C THR A 85 20.92 -17.51 1.05
N ALA A 86 19.75 -17.49 0.42
CA ALA A 86 19.33 -18.59 -0.43
C ALA A 86 20.24 -18.71 -1.65
N GLN A 87 20.81 -17.59 -2.10
CA GLN A 87 21.67 -17.64 -3.28
C GLN A 87 22.99 -18.29 -2.93
N ILE A 88 23.42 -18.16 -1.69
CA ILE A 88 24.68 -18.75 -1.29
C ILE A 88 24.47 -20.22 -1.03
N GLY A 89 23.26 -20.59 -0.61
CA GLY A 89 22.91 -21.99 -0.51
C GLY A 89 22.71 -22.50 0.90
N ALA A 90 22.76 -23.83 1.02
CA ALA A 90 22.44 -24.51 2.26
C ALA A 90 21.08 -24.02 2.80
N ASP A 91 20.11 -23.84 1.90
CA ASP A 91 18.83 -23.26 2.28
C ASP A 91 17.88 -24.37 2.72
N ILE A 92 18.10 -24.84 3.93
CA ILE A 92 17.40 -26.03 4.39
C ILE A 92 17.40 -26.01 5.91
N ALA A 93 16.26 -26.32 6.51
CA ALA A 93 16.10 -26.31 7.96
C ALA A 93 15.18 -27.44 8.42
N LEU A 94 15.21 -27.73 9.72
CA LEU A 94 14.42 -28.83 10.28
C LEU A 94 13.62 -28.32 11.45
N LEU A 95 12.36 -28.74 11.55
CA LEU A 95 11.58 -28.40 12.74
C LEU A 95 11.18 -29.67 13.50
N GLU A 96 11.49 -29.70 14.79
CA GLU A 96 11.04 -30.79 15.65
C GLU A 96 9.73 -30.36 16.29
N LEU A 97 8.67 -31.14 16.07
CA LEU A 97 7.38 -30.88 16.70
C LEU A 97 7.50 -31.26 18.17
N GLU A 98 6.72 -30.62 19.03
CA GLU A 98 6.75 -30.97 20.45
C GLU A 98 6.37 -32.43 20.64
N GLU A 99 5.46 -32.89 19.79
CA GLU A 99 4.99 -34.26 19.88
C GLU A 99 5.00 -34.89 18.51
N PRO A 100 5.07 -36.23 18.46
CA PRO A 100 4.91 -36.91 17.19
C PRO A 100 3.46 -36.72 16.79
N VAL A 101 3.13 -36.79 15.51
CA VAL A 101 1.74 -36.70 15.10
C VAL A 101 1.20 -38.12 15.01
N LYS A 102 -0.09 -38.28 15.25
CA LYS A 102 -0.67 -39.61 15.11
C LYS A 102 -0.93 -39.91 13.65
N VAL A 103 0.12 -40.37 12.97
CA VAL A 103 0.10 -40.58 11.52
C VAL A 103 -1.21 -41.20 11.01
N SER A 104 -1.67 -40.68 9.88
CA SER A 104 -3.01 -40.95 9.37
C SER A 104 -2.91 -41.49 7.94
N SER A 105 -3.98 -41.34 7.16
CA SER A 105 -3.92 -41.59 5.73
C SER A 105 -4.18 -40.28 4.99
N HIS A 106 -4.58 -39.27 5.76
CA HIS A 106 -4.64 -37.89 5.28
C HIS A 106 -3.36 -37.14 5.65
N VAL A 107 -2.59 -37.74 6.54
CA VAL A 107 -1.34 -37.16 6.97
C VAL A 107 -0.32 -38.27 7.09
N HIS A 108 0.74 -38.19 6.31
CA HIS A 108 1.88 -39.05 6.57
C HIS A 108 3.11 -38.57 5.83
N THR A 109 4.22 -39.24 6.09
CA THR A 109 5.50 -38.70 5.72
C THR A 109 5.79 -38.91 4.25
N VAL A 110 6.66 -38.07 3.71
CA VAL A 110 7.15 -38.29 2.37
C VAL A 110 8.48 -39.04 2.48
N THR A 111 8.84 -39.79 1.45
CA THR A 111 10.09 -40.54 1.46
C THR A 111 11.25 -39.68 0.95
N LEU A 112 12.35 -39.65 1.68
CA LEU A 112 13.56 -39.00 1.19
C LEU A 112 14.22 -39.89 0.14
N PRO A 113 14.87 -39.27 -0.86
CA PRO A 113 15.52 -40.01 -1.95
C PRO A 113 16.82 -40.67 -1.52
N PRO A 114 17.22 -41.75 -2.20
CA PRO A 114 18.53 -42.37 -1.96
C PRO A 114 19.61 -41.41 -2.44
N ALA A 115 20.75 -41.38 -1.77
CA ALA A 115 21.83 -40.46 -2.12
C ALA A 115 22.19 -40.46 -3.60
N SER A 116 21.96 -41.57 -4.27
CA SER A 116 22.34 -41.73 -5.67
C SER A 116 21.36 -41.12 -6.68
N GLU A 117 20.20 -40.65 -6.21
CA GLU A 117 19.17 -40.18 -7.13
C GLU A 117 19.45 -38.77 -7.67
N THR A 118 19.44 -38.62 -8.99
CA THR A 118 19.86 -37.38 -9.65
C THR A 118 18.67 -36.57 -10.16
N PHE A 119 17.52 -37.23 -10.23
CA PHE A 119 16.31 -36.62 -10.78
C PHE A 119 16.61 -35.90 -12.09
N PRO A 120 16.90 -36.65 -13.15
CA PRO A 120 17.17 -36.14 -14.49
C PRO A 120 15.93 -35.58 -15.17
N PRO A 121 16.12 -34.68 -16.13
CA PRO A 121 15.02 -34.13 -16.93
C PRO A 121 14.12 -35.25 -17.41
N GLY A 122 12.84 -34.96 -17.63
CA GLY A 122 11.92 -35.96 -18.13
C GLY A 122 11.19 -36.67 -17.00
N MET A 123 11.78 -36.63 -15.81
CA MET A 123 11.16 -37.19 -14.62
C MET A 123 9.91 -36.37 -14.26
N PRO A 124 8.79 -37.06 -13.96
CA PRO A 124 7.51 -36.47 -13.55
C PRO A 124 7.57 -35.90 -12.15
N CYS A 125 7.53 -34.56 -12.04
CA CYS A 125 7.68 -33.94 -10.73
C CYS A 125 6.63 -32.90 -10.48
N TRP A 126 6.24 -32.78 -9.22
CA TRP A 126 5.20 -31.86 -8.80
C TRP A 126 5.67 -31.01 -7.64
N VAL A 127 5.34 -29.73 -7.69
CA VAL A 127 5.51 -28.87 -6.53
C VAL A 127 4.12 -28.41 -6.04
N THR A 128 4.00 -28.21 -4.74
CA THR A 128 2.71 -27.92 -4.13
C THR A 128 2.85 -26.80 -3.09
N GLY A 129 1.76 -26.07 -2.84
CA GLY A 129 1.79 -25.05 -1.82
C GLY A 129 0.61 -24.13 -1.88
N TRP A 130 0.60 -23.18 -0.96
CA TRP A 130 -0.41 -22.12 -0.94
C TRP A 130 0.18 -20.73 -1.22
N GLY A 131 1.28 -20.64 -1.98
CA GLY A 131 1.87 -19.35 -2.28
C GLY A 131 1.16 -18.57 -3.39
N ASP A 132 1.68 -17.40 -3.72
CA ASP A 132 1.13 -16.57 -4.77
C ASP A 132 0.93 -17.33 -6.08
N VAL A 133 -0.06 -16.92 -6.86
CA VAL A 133 -0.41 -17.56 -8.13
C VAL A 133 0.24 -16.91 -9.35
N ASP A 134 0.91 -15.79 -9.10
CA ASP A 134 1.72 -15.12 -10.10
C ASP A 134 2.50 -14.05 -9.36
N ASN A 135 3.45 -13.40 -10.02
CA ASN A 135 4.21 -12.36 -9.34
C ASN A 135 3.26 -11.34 -8.71
N ASP A 136 3.40 -11.11 -7.41
CA ASP A 136 2.61 -10.07 -6.73
C ASP A 136 1.08 -10.32 -6.74
N GLU A 137 0.70 -11.59 -6.90
CA GLU A 137 -0.69 -11.99 -7.01
C GLU A 137 -0.96 -13.06 -5.97
N ARG A 138 -1.73 -12.72 -4.95
CA ARG A 138 -2.01 -13.62 -3.85
C ARG A 138 -2.91 -14.80 -4.24
N LEU A 139 -2.66 -15.95 -3.64
CA LEU A 139 -3.65 -17.02 -3.65
C LEU A 139 -4.92 -16.46 -3.00
N PRO A 140 -6.05 -16.53 -3.72
CA PRO A 140 -7.35 -16.03 -3.24
C PRO A 140 -8.03 -16.98 -2.25
N PRO A 141 -8.94 -16.43 -1.42
CA PRO A 141 -9.77 -17.28 -0.56
C PRO A 141 -10.59 -18.19 -1.45
N PRO A 142 -10.91 -19.42 -0.99
CA PRO A 142 -10.60 -19.99 0.32
C PRO A 142 -9.20 -20.66 0.44
N PHE A 143 -8.23 -20.24 -0.37
CA PHE A 143 -6.85 -20.74 -0.21
C PHE A 143 -6.69 -22.27 -0.34
N PRO A 144 -7.10 -22.82 -1.48
CA PRO A 144 -6.92 -24.24 -1.72
C PRO A 144 -5.44 -24.53 -1.93
N LEU A 145 -4.96 -25.65 -1.38
CA LEU A 145 -3.64 -26.17 -1.71
C LEU A 145 -3.60 -26.38 -3.22
N LYS A 146 -2.59 -25.78 -3.87
CA LYS A 146 -2.44 -25.94 -5.32
C LYS A 146 -1.27 -26.86 -5.62
N GLN A 147 -1.28 -27.42 -6.83
CA GLN A 147 -0.22 -28.29 -7.29
C GLN A 147 0.09 -27.95 -8.73
N VAL A 148 1.32 -28.21 -9.15
CA VAL A 148 1.67 -28.02 -10.54
C VAL A 148 2.84 -28.94 -10.91
N LYS A 149 2.74 -29.52 -12.10
CA LYS A 149 3.79 -30.38 -12.62
C LYS A 149 4.82 -29.47 -13.28
N VAL A 150 6.07 -29.60 -12.86
CA VAL A 150 7.15 -28.78 -13.42
C VAL A 150 8.21 -29.65 -14.07
N PRO A 151 8.69 -29.23 -15.25
CA PRO A 151 9.76 -29.96 -15.94
C PRO A 151 11.08 -29.72 -15.21
N ILE A 152 11.83 -30.78 -14.97
CA ILE A 152 13.17 -30.67 -14.39
C ILE A 152 14.19 -30.24 -15.46
N MET A 153 15.13 -29.38 -15.07
CA MET A 153 16.21 -28.92 -15.95
C MET A 153 17.58 -29.18 -15.28
N GLU A 154 18.50 -29.79 -16.01
CA GLU A 154 19.87 -30.01 -15.53
C GLU A 154 20.50 -28.76 -14.96
N ASN A 155 21.28 -28.90 -13.90
CA ASN A 155 21.92 -27.72 -13.30
C ASN A 155 22.65 -26.83 -14.30
N HIS A 156 23.49 -27.43 -15.14
CA HIS A 156 24.33 -26.62 -16.03
C HIS A 156 23.47 -25.94 -17.09
N ILE A 157 22.37 -26.58 -17.48
CA ILE A 157 21.46 -25.99 -18.44
C ILE A 157 20.76 -24.81 -17.80
N CYS A 158 20.33 -24.98 -16.56
CA CYS A 158 19.70 -23.92 -15.78
C CYS A 158 20.69 -22.77 -15.51
N ASP A 159 21.94 -23.12 -15.21
CA ASP A 159 22.97 -22.12 -15.00
C ASP A 159 23.07 -21.19 -16.21
N ALA A 160 23.13 -21.75 -17.41
CA ALA A 160 23.24 -20.91 -18.62
C ALA A 160 22.05 -19.97 -18.74
N LYS A 161 20.87 -20.49 -18.43
CA LYS A 161 19.68 -19.67 -18.56
C LYS A 161 19.73 -18.43 -17.66
N TYR A 162 20.26 -18.58 -16.44
CA TYR A 162 20.38 -17.45 -15.52
C TYR A 162 21.42 -16.41 -15.94
N HIS A 163 22.27 -16.76 -16.89
CA HIS A 163 23.22 -15.80 -17.48
C HIS A 163 22.62 -14.99 -18.63
N LEU A 164 21.55 -15.51 -19.25
CA LEU A 164 20.83 -14.77 -20.28
C LEU A 164 20.13 -13.53 -19.70
N GLY A 165 20.35 -12.37 -20.29
CA GLY A 165 19.83 -11.12 -19.75
C GLY A 165 20.50 -10.64 -18.47
N ALA A 166 21.71 -11.12 -18.19
CA ALA A 166 22.45 -10.76 -16.97
C ALA A 166 23.90 -10.39 -17.24
N TYR A 167 24.48 -9.54 -16.38
CA TYR A 167 25.86 -9.08 -16.55
C TYR A 167 26.87 -10.14 -16.12
N THR A 168 26.43 -11.04 -15.25
CA THR A 168 27.30 -11.98 -14.58
C THR A 168 28.18 -12.81 -15.52
N GLY A 169 29.48 -12.83 -15.25
CA GLY A 169 30.43 -13.57 -16.08
C GLY A 169 30.05 -15.04 -16.24
N ASP A 170 30.38 -15.60 -17.40
CA ASP A 170 30.01 -16.97 -17.73
C ASP A 170 30.67 -17.98 -16.80
N ASP A 171 31.81 -17.58 -16.24
CA ASP A 171 32.59 -18.43 -15.33
C ASP A 171 32.05 -18.43 -13.89
N VAL A 172 31.13 -17.51 -13.59
CA VAL A 172 30.49 -17.42 -12.29
C VAL A 172 29.29 -18.36 -12.22
N ARG A 173 29.37 -19.39 -11.38
CA ARG A 173 28.28 -20.35 -11.20
C ARG A 173 27.20 -19.82 -10.25
N ILE A 174 25.97 -19.83 -10.73
CA ILE A 174 24.85 -19.27 -10.01
C ILE A 174 24.07 -20.45 -9.42
N VAL A 175 23.74 -21.41 -10.27
CA VAL A 175 23.07 -22.62 -9.82
C VAL A 175 24.10 -23.61 -9.28
N ARG A 176 24.16 -23.72 -7.95
CA ARG A 176 25.20 -24.50 -7.28
C ARG A 176 24.84 -25.97 -7.18
N ASP A 177 25.83 -26.79 -6.84
CA ASP A 177 25.64 -28.24 -6.78
C ASP A 177 24.62 -28.64 -5.74
N ASP A 178 24.46 -27.85 -4.69
CA ASP A 178 23.40 -28.15 -3.73
C ASP A 178 22.02 -27.68 -4.18
N MET A 179 21.91 -27.21 -5.42
CA MET A 179 20.61 -26.74 -5.92
C MET A 179 20.12 -27.63 -7.05
N LEU A 180 18.84 -27.45 -7.39
CA LEU A 180 18.18 -28.20 -8.46
C LEU A 180 17.18 -27.25 -9.14
N CYS A 181 16.99 -27.36 -10.46
CA CYS A 181 16.11 -26.44 -11.21
C CYS A 181 14.90 -27.12 -11.86
N ALA A 182 13.75 -26.48 -11.75
CA ALA A 182 12.48 -26.97 -12.30
C ALA A 182 11.53 -25.81 -12.60
N GLY A 183 10.63 -25.97 -13.57
CA GLY A 183 9.64 -24.96 -13.90
C GLY A 183 9.91 -24.30 -15.22
N ASN A 184 8.91 -23.62 -15.78
CA ASN A 184 9.07 -22.85 -16.99
C ASN A 184 8.23 -21.59 -16.86
N THR A 185 7.93 -20.93 -17.98
CA THR A 185 7.14 -19.69 -17.93
C THR A 185 5.64 -19.89 -17.69
N ARG A 186 5.18 -21.13 -17.56
CA ARG A 186 3.77 -21.40 -17.26
C ARG A 186 3.57 -22.16 -15.95
N ARG A 187 4.63 -22.79 -15.47
CA ARG A 187 4.53 -23.63 -14.28
C ARG A 187 5.73 -23.38 -13.41
N ASP A 188 5.49 -23.01 -12.16
CA ASP A 188 6.57 -22.67 -11.24
C ASP A 188 6.01 -22.57 -9.82
N SER A 189 6.92 -22.47 -8.85
CA SER A 189 6.56 -22.19 -7.47
C SER A 189 6.67 -20.70 -7.28
N CYS A 190 6.21 -20.21 -6.13
CA CYS A 190 6.23 -18.77 -5.87
C CYS A 190 6.32 -18.38 -4.38
N GLN A 191 6.42 -17.08 -4.14
CA GLN A 191 6.45 -16.56 -2.77
C GLN A 191 5.30 -17.15 -1.97
N GLY A 192 5.62 -17.71 -0.81
CA GLY A 192 4.64 -18.42 -0.02
C GLY A 192 4.73 -19.93 -0.21
N ASP A 193 5.33 -20.35 -1.33
CA ASP A 193 5.56 -21.78 -1.56
C ASP A 193 6.89 -22.24 -0.97
N SER A 194 7.73 -21.25 -0.63
CA SER A 194 9.06 -21.48 -0.06
C SER A 194 9.01 -22.51 1.06
N GLY A 195 9.98 -23.42 1.07
CA GLY A 195 10.06 -24.44 2.10
C GLY A 195 9.31 -25.71 1.77
N GLY A 196 8.39 -25.61 0.82
CA GLY A 196 7.55 -26.72 0.43
C GLY A 196 8.24 -27.73 -0.46
N PRO A 197 7.57 -28.86 -0.72
CA PRO A 197 8.16 -30.03 -1.38
C PRO A 197 8.10 -30.01 -2.90
N LEU A 198 9.21 -30.34 -3.54
CA LEU A 198 9.18 -30.76 -4.93
C LEU A 198 9.32 -32.27 -4.89
N VAL A 199 8.30 -32.99 -5.34
CA VAL A 199 8.35 -34.44 -5.27
C VAL A 199 8.27 -35.09 -6.66
N CYS A 200 9.05 -36.13 -6.86
CA CYS A 200 9.02 -36.85 -8.13
C CYS A 200 8.65 -38.32 -7.90
N LYS A 201 7.89 -38.87 -8.85
CA LYS A 201 7.49 -40.27 -8.78
C LYS A 201 8.54 -41.17 -9.42
N VAL A 202 9.14 -42.02 -8.61
CA VAL A 202 10.23 -42.86 -9.07
C VAL A 202 9.92 -44.32 -8.73
N ASN A 203 9.68 -45.13 -9.77
CA ASN A 203 9.33 -46.54 -9.60
C ASN A 203 8.23 -46.70 -8.57
N GLY A 204 7.14 -45.96 -8.77
CA GLY A 204 6.00 -46.05 -7.86
C GLY A 204 6.04 -45.22 -6.58
N THR A 205 7.24 -44.89 -6.08
CA THR A 205 7.33 -44.11 -4.83
C THR A 205 7.55 -42.62 -5.09
N TRP A 206 6.89 -41.78 -4.29
CA TRP A 206 7.11 -40.35 -4.36
C TRP A 206 8.32 -40.00 -3.52
N LEU A 207 9.33 -39.38 -4.12
CA LEU A 207 10.49 -38.93 -3.37
C LEU A 207 10.53 -37.41 -3.35
N GLN A 208 10.94 -36.84 -2.21
CA GLN A 208 11.17 -35.40 -2.19
C GLN A 208 12.52 -35.05 -2.80
N ALA A 209 12.51 -34.54 -4.02
CA ALA A 209 13.71 -34.15 -4.72
C ALA A 209 14.26 -32.80 -4.23
N GLY A 210 13.36 -31.88 -3.89
CA GLY A 210 13.78 -30.54 -3.53
C GLY A 210 12.93 -29.78 -2.52
N VAL A 211 13.52 -28.71 -1.99
CA VAL A 211 12.84 -27.74 -1.16
C VAL A 211 12.74 -26.41 -1.92
N VAL A 212 11.54 -25.86 -2.07
CA VAL A 212 11.35 -24.57 -2.76
C VAL A 212 12.27 -23.52 -2.13
N SER A 213 13.15 -22.91 -2.91
CA SER A 213 14.14 -22.00 -2.31
C SER A 213 14.17 -20.56 -2.84
N TRP A 214 14.45 -20.37 -4.13
CA TRP A 214 14.45 -19.03 -4.67
C TRP A 214 14.37 -19.04 -6.19
N GLY A 215 14.64 -17.90 -6.78
CA GLY A 215 14.61 -17.77 -8.23
C GLY A 215 14.38 -16.30 -8.50
N GLU A 216 14.46 -15.91 -9.76
CA GLU A 216 14.11 -14.57 -10.10
C GLU A 216 12.63 -14.51 -10.47
N GLY A 217 11.85 -13.90 -9.59
CA GLY A 217 10.40 -13.91 -9.75
C GLY A 217 9.85 -15.31 -9.96
N CYS A 218 8.64 -15.34 -10.51
CA CYS A 218 7.91 -16.58 -10.68
C CYS A 218 7.57 -16.75 -12.16
N ALA A 219 7.92 -17.91 -12.70
CA ALA A 219 7.61 -18.24 -14.09
C ALA A 219 8.04 -17.15 -15.09
N GLN A 220 9.15 -16.47 -14.82
CA GLN A 220 9.70 -15.51 -15.76
C GLN A 220 10.59 -16.21 -16.82
N PRO A 221 10.71 -15.60 -18.01
CA PRO A 221 11.54 -16.18 -19.09
C PRO A 221 13.00 -16.39 -18.67
N ASN A 222 13.52 -17.61 -18.85
CA ASN A 222 14.92 -17.91 -18.55
C ASN A 222 15.28 -17.86 -17.08
N ARG A 223 14.28 -18.04 -16.23
CA ARG A 223 14.46 -18.01 -14.79
C ARG A 223 13.66 -19.13 -14.13
N PRO A 224 14.10 -20.38 -14.37
CA PRO A 224 13.48 -21.53 -13.72
C PRO A 224 13.53 -21.40 -12.21
N GLY A 225 12.56 -21.99 -11.52
CA GLY A 225 12.59 -22.06 -10.07
C GLY A 225 13.80 -22.85 -9.58
N ILE A 226 14.41 -22.37 -8.49
CA ILE A 226 15.56 -23.04 -7.91
C ILE A 226 15.23 -23.66 -6.55
N TYR A 227 15.60 -24.93 -6.37
CA TYR A 227 15.26 -25.70 -5.19
C TYR A 227 16.50 -26.13 -4.49
N THR A 228 16.44 -26.26 -3.18
CA THR A 228 17.53 -26.93 -2.49
C THR A 228 17.46 -28.41 -2.85
N ARG A 229 18.61 -29.00 -3.19
CA ARG A 229 18.71 -30.41 -3.59
C ARG A 229 18.74 -31.30 -2.35
N VAL A 230 17.64 -32.00 -2.07
CA VAL A 230 17.58 -32.83 -0.86
C VAL A 230 18.71 -33.89 -0.73
N THR A 231 19.03 -34.62 -1.79
CA THR A 231 20.15 -35.57 -1.72
C THR A 231 21.42 -34.96 -1.11
N TYR A 232 21.74 -33.73 -1.51
CA TYR A 232 22.95 -33.08 -1.04
C TYR A 232 23.09 -33.03 0.48
N TYR A 233 21.97 -32.98 1.19
CA TYR A 233 21.94 -32.75 2.64
C TYR A 233 21.40 -33.94 3.45
N LEU A 234 21.47 -35.13 2.88
CA LEU A 234 20.99 -36.33 3.56
C LEU A 234 21.74 -36.64 4.89
N ASP A 235 23.06 -36.49 4.87
CA ASP A 235 23.86 -36.74 6.07
C ASP A 235 23.49 -35.77 7.18
N TRP A 236 23.25 -34.52 6.82
CA TRP A 236 22.89 -33.51 7.79
C TRP A 236 21.50 -33.82 8.31
N ILE A 237 20.58 -34.14 7.42
CA ILE A 237 19.22 -34.51 7.83
C ILE A 237 19.26 -35.73 8.76
N HIS A 238 20.04 -36.73 8.39
CA HIS A 238 20.09 -38.00 9.12
C HIS A 238 20.74 -37.89 10.49
N HIS A 239 21.54 -36.86 10.69
CA HIS A 239 22.16 -36.60 11.97
C HIS A 239 21.11 -36.19 13.02
N TYR A 240 19.96 -35.72 12.56
CA TYR A 240 18.93 -35.22 13.47
C TYR A 240 17.66 -36.07 13.49
N VAL A 241 17.34 -36.62 12.33
CA VAL A 241 16.08 -37.32 12.17
C VAL A 241 16.27 -38.83 12.11
N PRO A 242 15.57 -39.57 12.98
CA PRO A 242 15.56 -41.03 13.03
C PRO A 242 15.33 -41.62 11.65
N LYS A 243 16.13 -42.61 11.27
N ILE B 1 -4.32 18.78 -10.54
CA ILE B 1 -4.79 19.29 -11.82
C ILE B 1 -4.65 18.25 -12.94
N VAL B 2 -5.75 17.97 -13.66
CA VAL B 2 -5.76 17.03 -14.77
C VAL B 2 -5.71 17.80 -16.09
N GLY B 3 -4.84 17.39 -17.00
CA GLY B 3 -4.61 18.17 -18.21
C GLY B 3 -3.84 19.44 -17.87
N GLY B 4 -3.84 20.42 -18.76
CA GLY B 4 -3.06 21.62 -18.50
C GLY B 4 -1.56 21.43 -18.25
N GLN B 5 -0.95 22.41 -17.60
CA GLN B 5 0.50 22.54 -17.65
C GLN B 5 1.00 23.34 -16.47
N GLU B 6 2.32 23.39 -16.31
CA GLU B 6 2.92 24.16 -15.23
C GLU B 6 2.64 25.66 -15.35
N ALA B 7 2.26 26.30 -14.25
CA ALA B 7 1.97 27.72 -14.31
C ALA B 7 3.24 28.54 -14.47
N PRO B 8 3.17 29.63 -15.25
CA PRO B 8 4.30 30.57 -15.28
C PRO B 8 4.45 31.19 -13.92
N ARG B 9 5.67 31.59 -13.57
CA ARG B 9 5.99 32.09 -12.24
C ARG B 9 5.24 33.38 -11.89
N SER B 10 4.90 34.18 -12.89
CA SER B 10 4.24 35.44 -12.61
C SER B 10 2.73 35.31 -12.45
N LYS B 11 2.19 34.10 -12.69
CA LYS B 11 0.73 33.95 -12.68
C LYS B 11 0.13 33.42 -11.36
N TRP B 12 -1.16 33.71 -11.13
CA TRP B 12 -1.87 33.27 -9.94
C TRP B 12 -1.15 33.59 -8.60
N PRO B 13 -0.86 34.87 -8.34
CA PRO B 13 -0.14 35.24 -7.11
C PRO B 13 -0.98 35.06 -5.83
N TRP B 14 -2.25 34.72 -5.96
CA TRP B 14 -3.11 34.53 -4.78
C TRP B 14 -3.18 33.07 -4.35
N GLN B 15 -2.54 32.18 -5.11
CA GLN B 15 -2.62 30.76 -4.80
C GLN B 15 -1.87 30.40 -3.52
N VAL B 16 -2.52 29.67 -2.63
CA VAL B 16 -1.79 29.14 -1.48
C VAL B 16 -1.90 27.63 -1.32
N SER B 17 -1.08 27.11 -0.42
CA SER B 17 -1.02 25.69 -0.11
C SER B 17 -1.26 25.55 1.37
N LEU B 18 -2.16 24.67 1.77
CA LEU B 18 -2.36 24.38 3.19
C LEU B 18 -1.51 23.18 3.61
N ARG B 19 -0.83 23.28 4.75
CA ARG B 19 0.08 22.23 5.20
C ARG B 19 -0.32 21.63 6.54
N VAL B 20 -0.20 20.32 6.68
CA VAL B 20 -0.58 19.69 7.92
C VAL B 20 0.68 19.15 8.59
N HIS B 21 0.79 19.33 9.91
CA HIS B 21 2.05 18.95 10.54
C HIS B 21 2.23 17.45 10.49
N GLY B 22 3.48 17.01 10.38
CA GLY B 22 3.75 15.59 10.32
C GLY B 22 5.25 15.39 10.22
N PRO B 23 5.68 14.26 9.62
CA PRO B 23 7.12 14.05 9.37
C PRO B 23 7.64 15.26 8.62
N TYR B 24 6.75 15.89 7.87
CA TYR B 24 7.03 17.19 7.28
C TYR B 24 5.70 17.92 7.13
N TRP B 25 5.76 19.19 6.79
CA TRP B 25 4.56 20.00 6.63
C TRP B 25 3.96 19.72 5.26
N MET B 26 3.07 18.72 5.20
CA MET B 26 2.66 18.16 3.94
C MET B 26 1.48 18.90 3.31
N HIS B 27 1.54 19.16 2.02
CA HIS B 27 0.42 19.81 1.33
C HIS B 27 -0.78 18.93 1.39
N PHE B 28 -1.94 19.49 1.75
CA PHE B 28 -3.18 18.70 1.71
C PHE B 28 -4.37 19.38 0.98
N CYS B 29 -4.30 20.69 0.78
CA CYS B 29 -5.39 21.42 0.15
C CYS B 29 -4.86 22.76 -0.32
N GLY B 30 -5.54 23.35 -1.29
CA GLY B 30 -5.21 24.69 -1.73
C GLY B 30 -6.12 25.71 -1.07
N GLY B 31 -5.86 26.96 -1.39
CA GLY B 31 -6.64 28.08 -0.91
C GLY B 31 -6.26 29.29 -1.74
N SER B 32 -6.83 30.44 -1.41
CA SER B 32 -6.51 31.67 -2.11
C SER B 32 -6.46 32.83 -1.14
N LEU B 33 -5.53 33.74 -1.39
CA LEU B 33 -5.40 34.93 -0.55
C LEU B 33 -6.48 35.91 -0.99
N ILE B 34 -7.45 36.24 -0.12
CA ILE B 34 -8.49 37.17 -0.57
C ILE B 34 -8.38 38.54 0.12
N HIS B 35 -7.51 38.60 1.11
CA HIS B 35 -7.25 39.82 1.83
C HIS B 35 -5.88 39.54 2.41
N PRO B 36 -5.10 40.60 2.69
CA PRO B 36 -3.75 40.42 3.23
C PRO B 36 -3.73 39.55 4.49
N GLN B 37 -4.86 39.40 5.16
CA GLN B 37 -4.91 38.58 6.37
C GLN B 37 -5.89 37.39 6.31
N TRP B 38 -6.48 37.12 5.15
CA TRP B 38 -7.49 36.06 5.05
C TRP B 38 -7.31 35.15 3.84
N VAL B 39 -7.38 33.85 4.10
CA VAL B 39 -7.33 32.84 3.05
C VAL B 39 -8.71 32.21 2.89
N LEU B 40 -9.10 31.99 1.65
CA LEU B 40 -10.38 31.38 1.37
C LEU B 40 -10.08 29.97 0.90
N THR B 41 -10.86 29.01 1.37
CA THR B 41 -10.61 27.60 1.04
C THR B 41 -11.91 26.81 1.22
N ALA B 42 -11.82 25.48 1.11
CA ALA B 42 -13.01 24.64 1.26
C ALA B 42 -13.20 24.17 2.71
N ALA B 43 -14.45 24.15 3.18
CA ALA B 43 -14.74 23.65 4.51
C ALA B 43 -14.25 22.21 4.73
N HIS B 44 -14.36 21.35 3.71
CA HIS B 44 -14.02 19.93 3.91
C HIS B 44 -12.53 19.72 4.08
N CYS B 45 -11.74 20.77 3.85
CA CYS B 45 -10.30 20.71 4.10
C CYS B 45 -9.97 20.81 5.58
N VAL B 46 -10.84 21.48 6.34
CA VAL B 46 -10.55 21.77 7.74
C VAL B 46 -11.63 21.25 8.70
N GLY B 47 -12.72 20.73 8.16
CA GLY B 47 -13.82 20.25 8.98
C GLY B 47 -14.45 19.03 8.34
N PRO B 48 -15.63 18.62 8.82
CA PRO B 48 -16.47 19.26 9.85
C PRO B 48 -15.90 19.18 11.27
N ASP B 49 -15.01 18.23 11.52
CA ASP B 49 -14.42 18.09 12.84
C ASP B 49 -13.42 19.22 13.10
N VAL B 50 -13.48 19.81 14.29
CA VAL B 50 -12.54 20.85 14.67
C VAL B 50 -11.16 20.25 14.96
N LYS B 51 -10.12 20.77 14.32
CA LYS B 51 -8.77 20.26 14.57
C LYS B 51 -7.92 21.33 15.23
N ASP B 52 -6.74 20.92 15.70
CA ASP B 52 -5.83 21.82 16.38
C ASP B 52 -5.21 22.84 15.41
N LEU B 53 -5.45 24.12 15.70
CA LEU B 53 -4.87 25.24 15.00
C LEU B 53 -3.37 25.09 14.80
N ALA B 54 -2.70 24.56 15.82
CA ALA B 54 -1.24 24.48 15.79
C ALA B 54 -0.73 23.43 14.81
N ALA B 55 -1.62 22.63 14.23
CA ALA B 55 -1.21 21.60 13.31
C ALA B 55 -1.37 22.03 11.84
N LEU B 56 -1.67 23.30 11.64
CA LEU B 56 -1.90 23.86 10.31
C LEU B 56 -0.94 25.04 10.03
N ARG B 57 -0.51 25.16 8.78
CA ARG B 57 0.21 26.36 8.34
C ARG B 57 -0.19 26.68 6.92
N VAL B 58 0.01 27.93 6.53
CA VAL B 58 -0.27 28.37 5.18
C VAL B 58 1.02 28.72 4.44
N GLN B 59 1.14 28.26 3.20
CA GLN B 59 2.27 28.58 2.34
C GLN B 59 1.75 29.42 1.17
N LEU B 60 2.31 30.62 1.03
CA LEU B 60 1.93 31.51 -0.05
C LEU B 60 2.53 31.06 -1.38
N ARG B 61 2.13 31.71 -2.48
CA ARG B 61 2.54 31.31 -3.83
C ARG B 61 4.00 30.85 -3.91
N GLU B 62 4.18 29.56 -4.26
CA GLU B 62 5.49 28.92 -4.50
C GLU B 62 5.43 28.35 -5.90
N GLN B 63 6.52 28.39 -6.67
CA GLN B 63 6.56 27.62 -7.92
C GLN B 63 6.47 26.11 -7.64
N HIS B 64 7.23 25.68 -6.64
CA HIS B 64 7.40 24.26 -6.34
C HIS B 64 7.15 23.98 -4.87
N LEU B 65 6.21 23.09 -4.58
CA LEU B 65 5.94 22.70 -3.21
C LEU B 65 7.23 22.31 -2.48
N TYR B 66 7.37 22.79 -1.25
CA TYR B 66 8.40 22.38 -0.28
C TYR B 66 9.77 23.07 -0.40
N TYR B 67 10.14 23.49 -1.60
CA TYR B 67 11.53 23.90 -1.80
C TYR B 67 12.01 25.15 -1.07
N GLN B 68 11.22 26.21 -1.07
CA GLN B 68 11.61 27.36 -0.25
C GLN B 68 10.43 27.87 0.59
N ASP B 69 9.97 26.98 1.46
CA ASP B 69 8.84 27.22 2.33
C ASP B 69 9.08 28.39 3.29
N GLN B 70 8.09 29.26 3.37
CA GLN B 70 7.97 30.18 4.50
C GLN B 70 6.56 30.00 5.08
N LEU B 71 6.45 29.11 6.06
CA LEU B 71 5.16 28.66 6.60
C LEU B 71 4.58 29.68 7.57
N LEU B 72 3.28 29.90 7.47
CA LEU B 72 2.61 30.95 8.25
C LEU B 72 1.55 30.37 9.20
N PRO B 73 1.59 30.76 10.48
CA PRO B 73 0.58 30.22 11.40
C PRO B 73 -0.79 30.88 11.18
N VAL B 74 -1.84 30.22 11.63
CA VAL B 74 -3.21 30.69 11.47
C VAL B 74 -3.74 31.00 12.84
N SER B 75 -4.58 32.03 12.97
CA SER B 75 -5.14 32.35 14.29
C SER B 75 -6.60 31.93 14.42
N ARG B 76 -7.32 31.85 13.30
CA ARG B 76 -8.71 31.42 13.29
C ARG B 76 -9.06 30.62 12.04
N ILE B 77 -9.74 29.50 12.25
CA ILE B 77 -10.40 28.77 11.18
C ILE B 77 -11.89 28.98 11.37
N ILE B 78 -12.55 29.58 10.36
CA ILE B 78 -13.98 29.87 10.40
C ILE B 78 -14.63 29.01 9.34
N VAL B 79 -15.42 28.03 9.75
CA VAL B 79 -16.06 27.15 8.79
C VAL B 79 -17.54 27.53 8.70
N HIS B 80 -18.08 27.57 7.49
CA HIS B 80 -19.49 27.89 7.34
C HIS B 80 -20.31 26.93 8.18
N PRO B 81 -21.19 27.47 9.03
CA PRO B 81 -21.90 26.60 9.98
C PRO B 81 -22.92 25.67 9.32
N GLN B 82 -23.23 25.85 8.03
CA GLN B 82 -24.13 24.91 7.37
C GLN B 82 -23.40 23.67 6.91
N PHE B 83 -22.06 23.71 6.88
CA PHE B 83 -21.30 22.60 6.29
C PHE B 83 -21.18 21.34 7.14
N TYR B 84 -21.41 20.18 6.53
CA TYR B 84 -20.89 18.94 7.11
C TYR B 84 -20.43 17.91 6.06
N THR B 85 -20.89 18.08 4.84
CA THR B 85 -20.40 17.27 3.74
C THR B 85 -20.37 18.08 2.43
N ALA B 86 -19.37 17.81 1.61
CA ALA B 86 -19.24 18.54 0.36
C ALA B 86 -20.47 18.33 -0.52
N GLN B 87 -21.03 17.12 -0.51
CA GLN B 87 -22.12 16.79 -1.41
C GLN B 87 -23.37 17.62 -1.10
N ILE B 88 -23.44 18.12 0.12
CA ILE B 88 -24.59 18.88 0.56
C ILE B 88 -24.39 20.35 0.30
N GLY B 89 -23.14 20.80 0.36
CA GLY B 89 -22.86 22.18 0.09
C GLY B 89 -22.37 22.95 1.29
N ALA B 90 -22.40 24.28 1.16
CA ALA B 90 -21.76 25.19 2.10
C ALA B 90 -20.28 24.82 2.29
N ASP B 91 -19.66 24.31 1.23
CA ASP B 91 -18.28 23.85 1.35
C ASP B 91 -17.32 25.02 1.23
N ILE B 92 -17.27 25.84 2.28
CA ILE B 92 -16.48 27.04 2.26
C ILE B 92 -15.97 27.36 3.65
N ALA B 93 -14.76 27.92 3.73
CA ALA B 93 -14.16 28.28 5.01
C ALA B 93 -13.13 29.39 4.86
N LEU B 94 -12.80 30.06 5.97
CA LEU B 94 -11.84 31.15 5.96
C LEU B 94 -10.77 30.92 7.01
N LEU B 95 -9.51 31.17 6.65
CA LEU B 95 -8.46 31.13 7.65
C LEU B 95 -7.97 32.56 7.87
N GLU B 96 -7.89 32.97 9.13
CA GLU B 96 -7.28 34.24 9.46
C GLU B 96 -5.81 34.00 9.79
N LEU B 97 -4.90 34.68 9.09
CA LEU B 97 -3.47 34.55 9.39
C LEU B 97 -3.16 35.32 10.65
N GLU B 98 -2.19 34.84 11.43
CA GLU B 98 -1.76 35.56 12.62
C GLU B 98 -1.40 37.01 12.31
N GLU B 99 -0.77 37.24 11.15
CA GLU B 99 -0.32 38.58 10.79
C GLU B 99 -0.64 38.81 9.34
N PRO B 100 -0.80 40.09 8.97
CA PRO B 100 -1.01 40.43 7.56
C PRO B 100 0.18 40.06 6.68
N VAL B 101 -0.13 39.66 5.47
CA VAL B 101 0.86 39.45 4.43
C VAL B 101 1.27 40.81 3.86
N LYS B 102 2.58 41.03 3.69
CA LYS B 102 3.03 42.21 2.95
C LYS B 102 3.01 41.90 1.45
N VAL B 103 1.96 42.34 0.77
CA VAL B 103 1.71 41.98 -0.63
C VAL B 103 2.76 42.57 -1.59
N SER B 104 3.05 41.81 -2.66
CA SER B 104 3.93 42.25 -3.74
C SER B 104 3.27 41.95 -5.08
N SER B 105 4.08 41.78 -6.12
CA SER B 105 3.55 41.42 -7.44
C SER B 105 3.64 39.91 -7.67
N HIS B 106 4.40 39.23 -6.81
CA HIS B 106 4.41 37.77 -6.81
C HIS B 106 3.48 37.15 -5.75
N VAL B 107 3.08 37.94 -4.76
CA VAL B 107 2.05 37.51 -3.82
C VAL B 107 1.02 38.62 -3.61
N HIS B 108 -0.21 38.41 -4.07
CA HIS B 108 -1.28 39.34 -3.73
C HIS B 108 -2.68 38.77 -3.86
N THR B 109 -3.70 39.54 -3.48
CA THR B 109 -5.04 39.02 -3.34
C THR B 109 -5.74 38.84 -4.67
N VAL B 110 -6.71 37.95 -4.68
CA VAL B 110 -7.57 37.82 -5.85
C VAL B 110 -8.85 38.62 -5.56
N THR B 111 -9.51 39.12 -6.60
CA THR B 111 -10.72 39.89 -6.41
C THR B 111 -11.92 38.96 -6.32
N LEU B 112 -12.82 39.22 -5.37
CA LEU B 112 -14.06 38.46 -5.33
C LEU B 112 -15.05 39.06 -6.33
N PRO B 113 -15.98 38.22 -6.82
CA PRO B 113 -16.95 38.67 -7.82
C PRO B 113 -18.02 39.57 -7.20
N PRO B 114 -18.63 40.46 -8.01
CA PRO B 114 -19.87 41.08 -7.56
C PRO B 114 -20.96 40.02 -7.40
N ALA B 115 -21.95 40.29 -6.56
CA ALA B 115 -23.07 39.36 -6.35
C ALA B 115 -23.79 38.98 -7.65
N SER B 116 -23.74 39.88 -8.62
CA SER B 116 -24.51 39.75 -9.85
C SER B 116 -23.89 38.84 -10.90
N GLU B 117 -22.62 38.49 -10.75
CA GLU B 117 -21.89 37.76 -11.79
C GLU B 117 -22.20 36.26 -11.76
N THR B 118 -22.66 35.74 -12.88
CA THR B 118 -23.21 34.39 -12.98
C THR B 118 -22.21 33.39 -13.59
N PHE B 119 -21.12 33.91 -14.13
CA PHE B 119 -20.12 33.10 -14.84
C PHE B 119 -20.74 32.10 -15.81
N PRO B 120 -21.41 32.61 -16.86
CA PRO B 120 -22.11 31.77 -17.85
C PRO B 120 -21.10 31.01 -18.71
N PRO B 121 -21.55 29.96 -19.41
CA PRO B 121 -20.65 29.22 -20.30
C PRO B 121 -19.99 30.19 -21.29
N GLY B 122 -18.76 29.91 -21.71
CA GLY B 122 -18.06 30.76 -22.67
C GLY B 122 -17.04 31.68 -22.02
N MET B 123 -17.16 31.82 -20.71
CA MET B 123 -16.25 32.63 -19.92
C MET B 123 -14.90 31.93 -19.79
N PRO B 124 -13.79 32.67 -19.96
CA PRO B 124 -12.44 32.11 -19.80
C PRO B 124 -12.03 31.95 -18.33
N CYS B 125 -11.91 30.70 -17.88
CA CYS B 125 -11.67 30.37 -16.48
C CYS B 125 -10.58 29.32 -16.35
N TRP B 126 -9.78 29.48 -15.30
CA TRP B 126 -8.73 28.52 -14.99
C TRP B 126 -8.83 28.01 -13.54
N VAL B 127 -8.48 26.76 -13.33
CA VAL B 127 -8.28 26.23 -11.99
C VAL B 127 -6.80 25.90 -11.78
N THR B 128 -6.29 26.17 -10.59
CA THR B 128 -4.87 25.98 -10.32
C THR B 128 -4.70 25.17 -9.05
N GLY B 129 -3.60 24.43 -8.97
CA GLY B 129 -3.32 23.70 -7.74
C GLY B 129 -2.19 22.69 -7.85
N TRP B 130 -1.86 22.08 -6.72
CA TRP B 130 -0.79 21.08 -6.66
C TRP B 130 -1.35 19.68 -6.49
N GLY B 131 -2.58 19.46 -6.94
CA GLY B 131 -3.26 18.18 -6.73
C GLY B 131 -2.87 17.07 -7.71
N ASP B 132 -3.49 15.92 -7.55
CA ASP B 132 -3.24 14.80 -8.43
C ASP B 132 -3.40 15.19 -9.90
N VAL B 133 -2.56 14.58 -10.74
CA VAL B 133 -2.60 14.84 -12.18
C VAL B 133 -3.54 13.86 -12.87
N ASP B 134 -4.06 12.91 -12.11
CA ASP B 134 -5.15 12.08 -12.60
C ASP B 134 -5.70 11.24 -11.45
N ASN B 135 -6.77 10.48 -11.71
CA ASN B 135 -7.30 9.57 -10.70
C ASN B 135 -6.20 8.67 -10.14
N ASP B 136 -6.01 8.74 -8.82
CA ASP B 136 -5.00 7.97 -8.11
C ASP B 136 -3.57 8.19 -8.61
N GLU B 137 -3.26 9.41 -9.01
CA GLU B 137 -1.97 9.70 -9.62
C GLU B 137 -1.41 11.03 -9.10
N ARG B 138 -0.44 10.92 -8.18
CA ARG B 138 0.14 12.08 -7.52
C ARG B 138 0.83 12.98 -8.51
N LEU B 139 0.86 14.27 -8.20
CA LEU B 139 1.74 15.19 -8.90
C LEU B 139 3.20 14.81 -8.58
N PRO B 140 4.02 14.61 -9.61
CA PRO B 140 5.41 14.17 -9.38
C PRO B 140 6.32 15.32 -8.88
N PRO B 141 7.34 15.00 -8.06
CA PRO B 141 8.32 16.05 -7.76
C PRO B 141 8.91 16.61 -9.05
N PRO B 142 9.36 17.88 -9.06
CA PRO B 142 9.43 18.76 -7.88
C PRO B 142 8.14 19.56 -7.62
N PHE B 143 7.00 19.02 -8.01
CA PHE B 143 5.72 19.54 -7.54
C PHE B 143 5.44 20.96 -8.01
N PRO B 144 5.42 21.19 -9.32
CA PRO B 144 5.19 22.53 -9.85
C PRO B 144 3.70 22.91 -9.69
N LEU B 145 3.41 24.18 -9.46
CA LEU B 145 2.01 24.62 -9.49
C LEU B 145 1.46 24.42 -10.90
N LYS B 146 0.30 23.78 -11.02
CA LYS B 146 -0.29 23.58 -12.34
C LYS B 146 -1.56 24.40 -12.56
N GLN B 147 -1.94 24.53 -13.83
CA GLN B 147 -3.11 25.32 -14.22
C GLN B 147 -3.77 24.64 -15.42
N VAL B 148 -5.09 24.78 -15.51
CA VAL B 148 -5.85 24.25 -16.62
C VAL B 148 -7.06 25.14 -16.90
N LYS B 149 -7.27 25.43 -18.18
CA LYS B 149 -8.44 26.16 -18.60
C LYS B 149 -9.59 25.17 -18.66
N VAL B 150 -10.68 25.48 -17.97
CA VAL B 150 -11.82 24.57 -17.89
C VAL B 150 -13.09 25.24 -18.39
N PRO B 151 -13.92 24.51 -19.14
CA PRO B 151 -15.18 25.09 -19.60
C PRO B 151 -16.22 25.14 -18.48
N ILE B 152 -16.82 26.32 -18.25
CA ILE B 152 -17.93 26.46 -17.32
C ILE B 152 -19.19 25.91 -17.98
N MET B 153 -20.06 25.27 -17.22
CA MET B 153 -21.36 24.91 -17.78
C MET B 153 -22.49 25.39 -16.87
N GLU B 154 -23.73 25.32 -17.33
CA GLU B 154 -24.82 25.74 -16.47
C GLU B 154 -25.12 24.67 -15.44
N ASN B 155 -25.63 25.12 -14.30
CA ASN B 155 -26.00 24.24 -13.18
C ASN B 155 -27.00 23.16 -13.57
N HIS B 156 -28.00 23.51 -14.37
CA HIS B 156 -29.01 22.51 -14.74
C HIS B 156 -28.40 21.39 -15.60
N ILE B 157 -27.47 21.73 -16.48
CA ILE B 157 -26.84 20.68 -17.28
C ILE B 157 -25.87 19.83 -16.44
N CYS B 158 -25.14 20.48 -15.57
CA CYS B 158 -24.29 19.78 -14.61
C CYS B 158 -25.12 18.87 -13.70
N ASP B 159 -26.24 19.36 -13.19
CA ASP B 159 -27.10 18.51 -12.38
C ASP B 159 -27.58 17.31 -13.18
N ALA B 160 -28.04 17.55 -14.41
CA ALA B 160 -28.57 16.44 -15.19
C ALA B 160 -27.46 15.45 -15.57
N LYS B 161 -26.28 15.99 -15.85
CA LYS B 161 -25.15 15.12 -16.19
C LYS B 161 -24.90 14.11 -15.08
N TYR B 162 -24.97 14.57 -13.82
CA TYR B 162 -24.78 13.69 -12.67
C TYR B 162 -25.86 12.61 -12.50
N HIS B 163 -27.01 12.79 -13.15
CA HIS B 163 -28.07 11.79 -13.08
C HIS B 163 -27.84 10.75 -14.14
N LEU B 164 -27.05 11.10 -15.15
CA LEU B 164 -26.75 10.18 -16.23
C LEU B 164 -25.96 9.00 -15.73
N GLY B 165 -26.47 7.81 -15.97
CA GLY B 165 -25.78 6.60 -15.56
C GLY B 165 -25.90 6.36 -14.07
N ALA B 166 -26.86 7.03 -13.42
CA ALA B 166 -27.09 6.90 -11.99
C ALA B 166 -28.55 6.54 -11.67
N TYR B 167 -28.80 5.94 -10.51
CA TYR B 167 -30.16 5.53 -10.11
C TYR B 167 -31.02 6.69 -9.63
N THR B 168 -30.39 7.78 -9.25
CA THR B 168 -31.08 8.88 -8.59
C THR B 168 -32.22 9.42 -9.45
N GLY B 169 -33.35 9.68 -8.81
CA GLY B 169 -34.50 10.28 -9.48
C GLY B 169 -34.15 11.61 -10.12
N ASP B 170 -34.73 11.88 -11.29
CA ASP B 170 -34.45 13.12 -12.01
C ASP B 170 -34.91 14.36 -11.23
N ASP B 171 -35.90 14.18 -10.37
CA ASP B 171 -36.41 15.29 -9.54
C ASP B 171 -35.56 15.57 -8.29
N VAL B 172 -34.55 14.74 -8.05
CA VAL B 172 -33.63 14.96 -6.93
C VAL B 172 -32.45 15.84 -7.37
N ARG B 173 -32.31 17.03 -6.79
CA ARG B 173 -31.22 17.95 -7.11
C ARG B 173 -29.91 17.54 -6.44
N ILE B 174 -28.95 17.16 -7.27
CA ILE B 174 -27.61 16.84 -6.81
C ILE B 174 -26.78 18.10 -6.79
N VAL B 175 -26.76 18.82 -7.91
CA VAL B 175 -25.98 20.06 -7.98
C VAL B 175 -26.84 21.24 -7.55
N ARG B 176 -26.47 21.86 -6.43
CA ARG B 176 -27.32 22.90 -5.86
C ARG B 176 -26.89 24.28 -6.31
N ASP B 177 -27.70 25.26 -5.96
CA ASP B 177 -27.52 26.63 -6.42
C ASP B 177 -26.25 27.29 -5.85
N ASP B 178 -25.75 26.75 -4.73
CA ASP B 178 -24.53 27.30 -4.15
C ASP B 178 -23.26 26.62 -4.74
N MET B 179 -23.45 25.84 -5.80
CA MET B 179 -22.34 25.21 -6.51
C MET B 179 -22.21 25.76 -7.92
N LEU B 180 -21.11 25.43 -8.59
CA LEU B 180 -20.85 25.89 -9.94
C LEU B 180 -20.01 24.80 -10.59
N CYS B 181 -20.29 24.43 -11.83
CA CYS B 181 -19.60 23.30 -12.47
C CYS B 181 -18.72 23.70 -13.65
N ALA B 182 -17.58 23.04 -13.74
CA ALA B 182 -16.64 23.31 -14.82
C ALA B 182 -15.82 22.04 -15.07
N GLY B 183 -15.22 21.96 -16.26
CA GLY B 183 -14.32 20.87 -16.61
C GLY B 183 -14.94 19.87 -17.54
N ASN B 184 -14.12 18.95 -18.08
CA ASN B 184 -14.59 17.88 -18.97
C ASN B 184 -13.71 16.63 -18.81
N THR B 185 -13.75 15.72 -19.79
CA THR B 185 -12.99 14.49 -19.67
C THR B 185 -11.47 14.71 -19.83
N ARG B 186 -11.04 15.94 -20.15
CA ARG B 186 -9.61 16.20 -20.35
C ARG B 186 -9.04 17.28 -19.42
N ARG B 187 -9.93 18.05 -18.81
CA ARG B 187 -9.49 19.19 -18.02
C ARG B 187 -10.32 19.21 -16.76
N ASP B 188 -9.67 19.14 -15.61
CA ASP B 188 -10.39 19.10 -14.34
C ASP B 188 -9.45 19.41 -13.17
N SER B 189 -10.05 19.73 -12.03
CA SER B 189 -9.33 19.73 -10.75
C SER B 189 -9.38 18.29 -10.22
N CYS B 190 -8.56 17.99 -9.23
CA CYS B 190 -8.57 16.66 -8.65
C CYS B 190 -8.23 16.70 -7.15
N GLN B 191 -8.11 15.53 -6.54
CA GLN B 191 -7.67 15.44 -5.15
C GLN B 191 -6.37 16.20 -4.88
N GLY B 192 -6.38 17.07 -3.88
CA GLY B 192 -5.23 17.92 -3.59
C GLY B 192 -5.41 19.32 -4.15
N ASP B 193 -6.39 19.48 -5.04
CA ASP B 193 -6.71 20.81 -5.59
C ASP B 193 -7.83 21.44 -4.75
N SER B 194 -8.53 20.61 -3.97
CA SER B 194 -9.63 21.07 -3.08
C SER B 194 -9.30 22.35 -2.33
N GLY B 195 -10.30 23.24 -2.27
CA GLY B 195 -10.14 24.50 -1.57
C GLY B 195 -9.48 25.58 -2.40
N GLY B 196 -8.82 25.19 -3.48
CA GLY B 196 -8.13 26.13 -4.35
C GLY B 196 -9.11 26.86 -5.24
N PRO B 197 -8.63 27.86 -5.98
CA PRO B 197 -9.49 28.80 -6.69
C PRO B 197 -9.82 28.39 -8.12
N LEU B 198 -11.07 28.65 -8.51
CA LEU B 198 -11.43 28.70 -9.91
C LEU B 198 -11.60 30.18 -10.25
N VAL B 199 -10.74 30.70 -11.12
CA VAL B 199 -10.80 32.13 -11.47
C VAL B 199 -11.12 32.41 -12.95
N CYS B 200 -11.93 33.45 -13.19
CA CYS B 200 -12.30 33.85 -14.56
C CYS B 200 -11.90 35.31 -14.83
N LYS B 201 -11.56 35.60 -16.08
CA LYS B 201 -11.21 36.96 -16.46
C LYS B 201 -12.45 37.69 -16.96
N VAL B 202 -12.93 38.64 -16.17
CA VAL B 202 -14.13 39.39 -16.54
C VAL B 202 -13.79 40.88 -16.64
N ASN B 203 -14.12 41.49 -17.77
CA ASN B 203 -13.77 42.89 -18.00
C ASN B 203 -12.28 43.12 -17.74
N GLY B 204 -11.44 42.19 -18.18
CA GLY B 204 -10.01 42.26 -17.90
C GLY B 204 -9.64 42.23 -16.42
N THR B 205 -10.53 41.71 -15.58
CA THR B 205 -10.20 41.54 -14.16
C THR B 205 -10.41 40.08 -13.78
N TRP B 206 -9.48 39.52 -13.02
CA TRP B 206 -9.57 38.13 -12.60
C TRP B 206 -10.47 38.03 -11.38
N LEU B 207 -11.58 37.32 -11.49
CA LEU B 207 -12.46 37.17 -10.33
C LEU B 207 -12.50 35.71 -9.88
N GLN B 208 -12.50 35.49 -8.58
CA GLN B 208 -12.64 34.11 -8.10
C GLN B 208 -14.10 33.67 -8.20
N ALA B 209 -14.36 32.77 -9.16
CA ALA B 209 -15.69 32.22 -9.36
C ALA B 209 -16.03 31.11 -8.36
N GLY B 210 -15.04 30.30 -8.01
CA GLY B 210 -15.32 29.13 -7.20
C GLY B 210 -14.19 28.62 -6.35
N VAL B 211 -14.56 27.70 -5.46
CA VAL B 211 -13.61 26.98 -4.61
C VAL B 211 -13.75 25.50 -4.94
N VAL B 212 -12.65 24.86 -5.35
CA VAL B 212 -12.67 23.41 -5.62
C VAL B 212 -13.32 22.63 -4.48
N SER B 213 -14.36 21.88 -4.80
CA SER B 213 -15.12 21.20 -3.77
C SER B 213 -15.20 19.68 -3.92
N TRP B 214 -15.84 19.19 -4.96
CA TRP B 214 -15.96 17.75 -5.12
C TRP B 214 -16.31 17.36 -6.53
N GLY B 215 -16.72 16.10 -6.69
CA GLY B 215 -17.13 15.56 -7.95
C GLY B 215 -16.84 14.09 -7.85
N GLU B 216 -17.27 13.31 -8.82
CA GLU B 216 -16.98 11.89 -8.81
C GLU B 216 -15.74 11.60 -9.66
N GLY B 217 -14.64 11.26 -8.99
CA GLY B 217 -13.37 11.11 -9.66
C GLY B 217 -12.96 12.43 -10.30
N CYS B 218 -11.98 12.35 -11.19
CA CYS B 218 -11.52 13.52 -11.91
C CYS B 218 -11.56 13.21 -13.40
N ALA B 219 -12.12 14.12 -14.19
CA ALA B 219 -12.16 14.00 -15.65
C ALA B 219 -12.86 12.73 -16.16
N GLN B 220 -13.88 12.29 -15.43
CA GLN B 220 -14.73 11.16 -15.79
C GLN B 220 -15.92 11.65 -16.62
N PRO B 221 -16.36 10.81 -17.56
CA PRO B 221 -17.52 11.14 -18.40
C PRO B 221 -18.75 11.47 -17.57
N ASN B 222 -19.38 12.61 -17.84
CA ASN B 222 -20.63 13.03 -17.21
C ASN B 222 -20.51 13.36 -15.73
N ARG B 223 -19.28 13.58 -15.27
CA ARG B 223 -19.00 13.99 -13.90
C ARG B 223 -18.08 15.22 -13.84
N PRO B 224 -18.57 16.39 -14.28
CA PRO B 224 -17.69 17.56 -14.23
C PRO B 224 -17.34 17.94 -12.80
N GLY B 225 -16.30 18.78 -12.66
CA GLY B 225 -15.86 19.25 -11.36
C GLY B 225 -16.88 20.20 -10.76
N ILE B 226 -17.07 20.09 -9.45
CA ILE B 226 -18.04 20.91 -8.74
C ILE B 226 -17.30 21.84 -7.80
N TYR B 227 -17.69 23.11 -7.84
CA TYR B 227 -17.05 24.13 -7.04
C TYR B 227 -18.10 24.80 -6.18
N THR B 228 -17.67 25.35 -5.06
CA THR B 228 -18.55 26.19 -4.30
C THR B 228 -18.68 27.52 -5.03
N ARG B 229 -19.92 27.96 -5.27
CA ARG B 229 -20.16 29.22 -5.97
C ARG B 229 -19.93 30.39 -5.04
N VAL B 230 -18.79 31.03 -5.20
CA VAL B 230 -18.40 32.11 -4.31
C VAL B 230 -19.43 33.25 -4.14
N THR B 231 -20.17 33.59 -5.21
CA THR B 231 -21.15 34.67 -5.07
C THR B 231 -22.20 34.31 -4.02
N TYR B 232 -22.50 33.03 -3.90
CA TYR B 232 -23.54 32.59 -2.98
C TYR B 232 -23.19 32.95 -1.53
N TYR B 233 -21.90 33.05 -1.23
CA TYR B 233 -21.45 33.22 0.15
C TYR B 233 -20.79 34.58 0.44
N LEU B 234 -21.00 35.55 -0.45
CA LEU B 234 -20.39 36.88 -0.28
C LEU B 234 -20.73 37.52 1.08
N ASP B 235 -22.00 37.43 1.47
CA ASP B 235 -22.47 37.99 2.74
C ASP B 235 -21.75 37.40 3.95
N TRP B 236 -21.76 36.07 4.03
CA TRP B 236 -21.02 35.35 5.06
C TRP B 236 -19.54 35.78 5.08
N ILE B 237 -18.86 35.68 3.95
CA ILE B 237 -17.45 36.11 3.86
C ILE B 237 -17.28 37.52 4.41
N HIS B 238 -18.20 38.41 4.05
CA HIS B 238 -18.08 39.81 4.43
C HIS B 238 -18.42 40.09 5.90
N HIS B 239 -18.95 39.11 6.60
CA HIS B 239 -19.03 39.24 8.05
C HIS B 239 -17.66 39.17 8.70
N TYR B 240 -16.68 38.62 8.01
CA TYR B 240 -15.35 38.44 8.62
C TYR B 240 -14.24 39.19 7.91
N VAL B 241 -14.30 39.22 6.58
CA VAL B 241 -13.26 39.85 5.79
C VAL B 241 -13.71 41.27 5.43
N PRO B 242 -12.90 42.25 5.78
CA PRO B 242 -13.19 43.67 5.46
C PRO B 242 -13.18 43.96 3.95
N LYS B 243 -14.13 44.78 3.51
N ILE C 1 20.06 7.91 4.77
CA ILE C 1 20.96 8.26 5.87
C ILE C 1 20.22 8.35 7.23
N VAL C 2 20.62 7.49 8.16
CA VAL C 2 20.07 7.49 9.52
C VAL C 2 20.93 8.34 10.47
N GLY C 3 20.29 9.25 11.21
CA GLY C 3 21.04 10.24 11.98
C GLY C 3 21.70 11.26 11.07
N GLY C 4 22.69 11.97 11.57
CA GLY C 4 23.32 13.00 10.73
C GLY C 4 22.32 14.04 10.23
N GLN C 5 22.77 14.93 9.36
CA GLN C 5 21.94 16.06 9.01
C GLN C 5 22.10 16.45 7.55
N GLU C 6 21.50 17.58 7.19
CA GLU C 6 21.63 18.10 5.85
C GLU C 6 23.07 18.48 5.64
N ALA C 7 23.56 18.20 4.45
CA ALA C 7 24.91 18.53 4.05
C ALA C 7 24.98 19.99 3.64
N PRO C 8 26.02 20.71 4.09
CA PRO C 8 26.28 22.08 3.61
C PRO C 8 26.52 22.07 2.11
N ARG C 9 26.15 23.14 1.43
CA ARG C 9 26.22 23.18 -0.02
C ARG C 9 27.61 22.91 -0.59
N SER C 10 28.64 23.31 0.15
CA SER C 10 30.02 23.17 -0.32
C SER C 10 30.58 21.75 -0.23
N LYS C 11 29.90 20.87 0.48
CA LYS C 11 30.44 19.54 0.77
C LYS C 11 29.99 18.42 -0.20
N TRP C 12 30.86 17.42 -0.37
CA TRP C 12 30.54 16.23 -1.17
C TRP C 12 30.22 16.54 -2.62
N PRO C 13 31.04 17.36 -3.28
CA PRO C 13 30.85 17.75 -4.68
C PRO C 13 30.87 16.58 -5.66
N TRP C 14 31.28 15.40 -5.21
CA TRP C 14 31.29 14.21 -6.06
C TRP C 14 30.01 13.36 -5.97
N GLN C 15 29.10 13.72 -5.05
CA GLN C 15 27.88 12.92 -4.86
C GLN C 15 27.03 13.02 -6.12
N VAL C 16 26.55 11.88 -6.61
CA VAL C 16 25.59 11.89 -7.72
C VAL C 16 24.33 11.09 -7.39
N SER C 17 23.27 11.34 -8.14
CA SER C 17 22.02 10.63 -8.00
C SER C 17 21.68 9.90 -9.30
N LEU C 18 21.35 8.61 -9.20
CA LEU C 18 20.95 7.81 -10.37
C LEU C 18 19.45 7.91 -10.53
N ARG C 19 18.98 8.18 -11.74
CA ARG C 19 17.55 8.30 -11.99
C ARG C 19 17.05 7.20 -12.90
N VAL C 20 15.85 6.68 -12.61
CA VAL C 20 15.20 5.70 -13.48
C VAL C 20 13.99 6.37 -14.15
N HIS C 21 13.78 6.10 -15.43
CA HIS C 21 12.66 6.70 -16.13
C HIS C 21 11.35 6.18 -15.57
N GLY C 22 10.33 7.03 -15.55
CA GLY C 22 8.99 6.64 -15.14
C GLY C 22 8.06 7.85 -15.22
N PRO C 23 7.05 7.92 -14.33
CA PRO C 23 6.21 9.13 -14.35
C PRO C 23 7.05 10.38 -14.10
N TYR C 24 8.20 10.19 -13.43
CA TYR C 24 9.27 11.20 -13.41
C TYR C 24 10.59 10.45 -13.27
N TRP C 25 11.70 11.19 -13.39
CA TRP C 25 13.02 10.59 -13.28
C TRP C 25 13.39 10.41 -11.81
N MET C 26 12.98 9.27 -11.27
CA MET C 26 13.02 9.01 -9.83
C MET C 26 14.39 8.50 -9.37
N HIS C 27 14.85 9.06 -8.27
CA HIS C 27 16.08 8.63 -7.62
C HIS C 27 15.93 7.18 -7.19
N PHE C 28 16.93 6.36 -7.47
CA PHE C 28 16.91 4.99 -6.96
C PHE C 28 18.22 4.56 -6.27
N CYS C 29 19.31 5.31 -6.44
CA CYS C 29 20.63 4.96 -5.86
C CYS C 29 21.58 6.15 -5.91
N GLY C 30 22.64 6.09 -5.11
CA GLY C 30 23.69 7.08 -5.17
C GLY C 30 24.88 6.65 -6.02
N GLY C 31 25.87 7.53 -6.13
CA GLY C 31 27.09 7.21 -6.85
C GLY C 31 28.10 8.30 -6.57
N SER C 32 29.32 8.15 -7.06
CA SER C 32 30.31 9.21 -6.93
C SER C 32 30.97 9.48 -8.26
N LEU C 33 31.28 10.75 -8.52
CA LEU C 33 32.05 11.12 -9.70
C LEU C 33 33.52 10.86 -9.38
N ILE C 34 34.10 9.86 -10.03
CA ILE C 34 35.51 9.52 -9.79
C ILE C 34 36.44 10.00 -10.91
N HIS C 35 35.84 10.56 -11.95
CA HIS C 35 36.57 11.01 -13.12
C HIS C 35 35.53 11.82 -13.90
N PRO C 36 35.97 12.81 -14.69
CA PRO C 36 34.98 13.69 -15.31
C PRO C 36 33.99 12.93 -16.21
N GLN C 37 34.32 11.71 -16.62
CA GLN C 37 33.40 10.94 -17.45
C GLN C 37 32.92 9.62 -16.82
N TRP C 38 33.32 9.35 -15.59
CA TRP C 38 32.94 8.09 -14.95
C TRP C 38 32.38 8.23 -13.54
N VAL C 39 31.33 7.47 -13.27
CA VAL C 39 30.66 7.46 -11.99
C VAL C 39 30.80 6.06 -11.39
N LEU C 40 31.16 6.00 -10.11
CA LEU C 40 31.29 4.73 -9.43
C LEU C 40 30.03 4.46 -8.64
N THR C 41 29.49 3.25 -8.75
CA THR C 41 28.28 2.91 -8.01
C THR C 41 28.26 1.44 -7.58
N ALA C 42 27.15 1.01 -7.00
CA ALA C 42 26.99 -0.39 -6.59
C ALA C 42 26.45 -1.21 -7.75
N ALA C 43 26.98 -2.43 -7.93
CA ALA C 43 26.44 -3.33 -8.97
C ALA C 43 24.95 -3.64 -8.79
N HIS C 44 24.51 -3.79 -7.54
CA HIS C 44 23.11 -4.17 -7.34
C HIS C 44 22.16 -3.01 -7.71
N CYS C 45 22.72 -1.83 -7.95
CA CYS C 45 21.88 -0.72 -8.38
C CYS C 45 21.45 -0.87 -9.85
N VAL C 46 22.30 -1.55 -10.64
CA VAL C 46 22.07 -1.64 -12.07
C VAL C 46 22.19 -3.05 -12.62
N GLY C 47 22.05 -4.03 -11.74
CA GLY C 47 22.29 -5.42 -12.09
C GLY C 47 21.70 -6.34 -11.03
N PRO C 48 21.81 -7.66 -11.22
CA PRO C 48 22.56 -8.30 -12.31
C PRO C 48 21.80 -8.33 -13.64
N ASP C 49 20.50 -8.13 -13.63
CA ASP C 49 19.80 -8.09 -14.90
C ASP C 49 20.22 -6.86 -15.70
N VAL C 50 20.34 -7.05 -17.01
CA VAL C 50 20.73 -5.99 -17.92
C VAL C 50 19.52 -5.10 -18.24
N LYS C 51 19.68 -3.80 -18.09
CA LYS C 51 18.60 -2.86 -18.43
C LYS C 51 18.95 -1.90 -19.58
N ASP C 52 17.94 -1.18 -20.03
CA ASP C 52 18.09 -0.29 -21.15
C ASP C 52 18.72 1.01 -20.69
N LEU C 53 19.84 1.38 -21.29
CA LEU C 53 20.45 2.66 -20.95
C LEU C 53 19.55 3.88 -21.15
N ALA C 54 18.65 3.83 -22.13
CA ALA C 54 17.77 4.98 -22.33
C ALA C 54 16.94 5.28 -21.07
N ALA C 55 16.80 4.28 -20.20
CA ALA C 55 15.98 4.44 -19.02
C ALA C 55 16.75 4.93 -17.79
N LEU C 56 18.00 5.32 -18.00
CA LEU C 56 18.87 5.74 -16.89
C LEU C 56 19.42 7.15 -17.14
N ARG C 57 19.41 7.99 -16.11
CA ARG C 57 20.13 9.25 -16.19
C ARG C 57 20.97 9.44 -14.94
N VAL C 58 21.96 10.30 -15.06
CA VAL C 58 22.77 10.68 -13.93
C VAL C 58 22.55 12.16 -13.65
N GLN C 59 22.46 12.48 -12.37
CA GLN C 59 22.30 13.85 -11.91
C GLN C 59 23.48 14.17 -11.00
N LEU C 60 24.21 15.23 -11.31
CA LEU C 60 25.38 15.60 -10.52
C LEU C 60 24.99 16.32 -9.23
N ARG C 61 25.95 16.57 -8.36
CA ARG C 61 25.68 17.16 -7.03
C ARG C 61 24.58 18.21 -7.04
N GLU C 62 23.61 18.02 -6.17
CA GLU C 62 22.39 18.81 -6.11
C GLU C 62 22.03 18.93 -4.64
N GLN C 63 21.65 20.12 -4.17
CA GLN C 63 21.35 20.26 -2.75
C GLN C 63 20.04 19.57 -2.38
N HIS C 64 19.02 19.77 -3.21
CA HIS C 64 17.72 19.12 -3.07
C HIS C 64 17.38 18.30 -4.32
N LEU C 65 16.90 17.10 -4.11
CA LEU C 65 16.52 16.25 -5.23
C LEU C 65 15.45 16.90 -6.15
N TYR C 66 15.56 16.69 -7.46
CA TYR C 66 14.50 17.06 -8.40
C TYR C 66 14.36 18.55 -8.71
N TYR C 67 14.77 19.41 -7.78
CA TYR C 67 14.50 20.83 -7.92
C TYR C 67 15.06 21.48 -9.20
N GLN C 68 16.34 21.28 -9.49
CA GLN C 68 16.86 21.86 -10.71
C GLN C 68 17.70 20.84 -11.45
N ASP C 69 17.03 19.80 -11.91
CA ASP C 69 17.68 18.69 -12.58
C ASP C 69 18.37 19.12 -13.87
N GLN C 70 19.52 18.52 -14.12
CA GLN C 70 20.21 18.56 -15.40
C GLN C 70 20.65 17.13 -15.64
N LEU C 71 19.72 16.29 -16.08
CA LEU C 71 20.01 14.88 -16.22
C LEU C 71 21.03 14.60 -17.32
N LEU C 72 22.00 13.75 -17.00
CA LEU C 72 23.05 13.36 -17.95
C LEU C 72 22.85 11.92 -18.40
N PRO C 73 22.90 11.70 -19.72
CA PRO C 73 22.87 10.34 -20.30
C PRO C 73 24.17 9.56 -20.10
N VAL C 74 24.04 8.24 -20.09
CA VAL C 74 25.11 7.29 -19.87
C VAL C 74 25.35 6.50 -21.16
N SER C 75 26.61 6.31 -21.54
CA SER C 75 26.88 5.56 -22.77
C SER C 75 27.25 4.09 -22.54
N ARG C 76 27.77 3.78 -21.37
CA ARG C 76 28.13 2.40 -21.03
C ARG C 76 27.90 2.11 -19.56
N ILE C 77 27.41 0.92 -19.28
CA ILE C 77 27.32 0.44 -17.90
C ILE C 77 28.22 -0.76 -17.76
N ILE C 78 29.19 -0.67 -16.85
CA ILE C 78 30.13 -1.76 -16.63
C ILE C 78 30.02 -2.34 -15.23
N VAL C 79 29.54 -3.56 -15.17
CA VAL C 79 29.24 -4.22 -13.92
C VAL C 79 30.30 -5.30 -13.68
N HIS C 80 30.81 -5.37 -12.45
CA HIS C 80 31.85 -6.35 -12.18
C HIS C 80 31.34 -7.75 -12.51
N PRO C 81 32.09 -8.50 -13.32
CA PRO C 81 31.58 -9.79 -13.79
C PRO C 81 31.33 -10.81 -12.67
N GLN C 82 31.96 -10.62 -11.52
CA GLN C 82 31.69 -11.56 -10.43
C GLN C 82 30.39 -11.23 -9.74
N PHE C 83 29.75 -10.11 -10.09
CA PHE C 83 28.57 -9.72 -9.31
C PHE C 83 27.28 -10.46 -9.64
N TYR C 84 26.60 -10.97 -8.61
CA TYR C 84 25.17 -11.19 -8.74
C TYR C 84 24.34 -11.00 -7.48
N THR C 85 24.96 -11.07 -6.30
CA THR C 85 24.29 -10.53 -5.11
C THR C 85 25.22 -9.75 -4.22
N ALA C 86 24.65 -8.78 -3.50
CA ALA C 86 25.41 -7.98 -2.57
C ALA C 86 26.10 -8.84 -1.50
N GLN C 87 25.45 -9.91 -1.06
CA GLN C 87 26.00 -10.73 0.02
C GLN C 87 27.18 -11.56 -0.48
N ILE C 88 27.17 -11.94 -1.75
CA ILE C 88 28.27 -12.72 -2.29
C ILE C 88 29.46 -11.80 -2.58
N GLY C 89 29.20 -10.56 -2.99
CA GLY C 89 30.25 -9.59 -3.18
C GLY C 89 30.41 -9.03 -4.58
N ALA C 90 31.54 -8.38 -4.81
CA ALA C 90 31.84 -7.77 -6.09
C ALA C 90 30.76 -6.75 -6.42
N ASP C 91 30.20 -6.14 -5.38
CA ASP C 91 29.08 -5.22 -5.58
C ASP C 91 29.59 -3.84 -6.00
N ILE C 92 29.91 -3.73 -7.28
CA ILE C 92 30.56 -2.53 -7.78
C ILE C 92 30.37 -2.43 -9.28
N ALA C 93 30.17 -1.21 -9.76
CA ALA C 93 29.92 -0.97 -11.17
C ALA C 93 30.39 0.42 -11.55
N LEU C 94 30.50 0.65 -12.86
CA LEU C 94 30.93 1.93 -13.41
C LEU C 94 29.98 2.38 -14.48
N LEU C 95 29.65 3.67 -14.47
CA LEU C 95 28.84 4.24 -15.54
C LEU C 95 29.71 5.23 -16.27
N GLU C 96 29.78 5.09 -17.59
CA GLU C 96 30.45 6.08 -18.41
C GLU C 96 29.43 7.10 -18.88
N LEU C 97 29.66 8.37 -18.58
CA LEU C 97 28.79 9.43 -19.08
C LEU C 97 29.02 9.63 -20.56
N GLU C 98 27.99 10.07 -21.26
CA GLU C 98 28.09 10.29 -22.69
C GLU C 98 29.13 11.36 -22.98
N GLU C 99 29.19 12.39 -22.13
CA GLU C 99 30.16 13.50 -22.25
C GLU C 99 30.94 13.71 -20.97
N PRO C 100 32.20 14.15 -21.07
CA PRO C 100 32.90 14.52 -19.84
C PRO C 100 32.13 15.66 -19.17
N VAL C 101 32.15 15.70 -17.83
CA VAL C 101 31.56 16.79 -17.10
C VAL C 101 32.58 17.91 -17.12
N LYS C 102 32.12 19.15 -17.23
CA LYS C 102 32.99 20.31 -17.05
C LYS C 102 33.09 20.59 -15.57
N VAL C 103 34.20 20.11 -15.00
CA VAL C 103 34.36 19.97 -13.55
C VAL C 103 34.72 21.29 -12.86
N SER C 104 34.10 21.53 -11.69
CA SER C 104 34.20 22.83 -11.00
C SER C 104 34.44 22.76 -9.49
N SER C 105 33.87 23.73 -8.78
CA SER C 105 34.08 23.88 -7.34
C SER C 105 32.99 23.17 -6.53
N HIS C 106 31.76 23.18 -7.06
CA HIS C 106 30.66 22.45 -6.41
C HIS C 106 30.40 21.10 -7.04
N VAL C 107 31.10 20.81 -8.12
CA VAL C 107 31.07 19.48 -8.73
C VAL C 107 32.48 19.05 -9.15
N HIS C 108 33.08 18.15 -8.39
CA HIS C 108 34.32 17.54 -8.86
C HIS C 108 34.56 16.16 -8.30
N THR C 109 35.62 15.52 -8.76
CA THR C 109 35.85 14.11 -8.47
C THR C 109 36.29 13.87 -7.04
N VAL C 110 35.99 12.67 -6.53
CA VAL C 110 36.56 12.23 -5.27
C VAL C 110 37.81 11.43 -5.59
N THR C 111 38.78 11.42 -4.67
CA THR C 111 40.02 10.69 -4.88
C THR C 111 39.90 9.24 -4.40
N LEU C 112 40.33 8.28 -5.21
CA LEU C 112 40.31 6.90 -4.76
C LEU C 112 41.52 6.59 -3.87
N PRO C 113 41.36 5.60 -2.96
CA PRO C 113 42.44 5.31 -2.01
C PRO C 113 43.64 4.68 -2.72
N PRO C 114 44.82 4.82 -2.13
CA PRO C 114 45.99 4.08 -2.62
C PRO C 114 45.78 2.58 -2.40
N ALA C 115 46.47 1.76 -3.18
CA ALA C 115 46.35 0.29 -3.03
C ALA C 115 46.56 -0.22 -1.61
N SER C 116 47.35 0.49 -0.83
CA SER C 116 47.64 0.04 0.54
C SER C 116 46.46 0.18 1.52
N GLU C 117 45.69 1.24 1.34
CA GLU C 117 44.97 1.85 2.45
C GLU C 117 44.07 0.92 3.25
N THR C 118 44.03 1.12 4.57
CA THR C 118 43.31 0.22 5.46
C THR C 118 42.04 0.79 6.10
N PHE C 119 42.06 2.06 6.50
CA PHE C 119 40.92 2.64 7.20
C PHE C 119 40.63 1.86 8.46
N PRO C 120 41.43 2.10 9.51
CA PRO C 120 41.40 1.44 10.83
C PRO C 120 40.13 1.74 11.63
N PRO C 121 39.74 0.81 12.51
CA PRO C 121 38.54 0.87 13.34
C PRO C 121 38.59 2.10 14.21
N GLY C 122 37.71 3.07 13.96
CA GLY C 122 37.72 4.31 14.69
C GLY C 122 38.51 5.39 13.96
N MET C 123 38.02 5.76 12.77
CA MET C 123 38.63 6.80 11.95
C MET C 123 37.52 7.76 11.46
N PRO C 124 37.88 8.96 10.98
CA PRO C 124 36.78 9.87 10.61
C PRO C 124 36.21 9.59 9.21
N CYS C 125 35.08 8.88 9.15
CA CYS C 125 34.43 8.57 7.87
C CYS C 125 32.98 9.05 7.82
N TRP C 126 32.58 9.52 6.65
CA TRP C 126 31.26 10.04 6.42
C TRP C 126 30.60 9.30 5.25
N VAL C 127 29.31 9.03 5.37
CA VAL C 127 28.55 8.46 4.27
C VAL C 127 27.43 9.47 3.95
N THR C 128 27.10 9.61 2.67
CA THR C 128 26.15 10.63 2.23
C THR C 128 25.12 10.07 1.25
N GLY C 129 23.96 10.73 1.15
CA GLY C 129 22.96 10.32 0.20
C GLY C 129 21.56 10.84 0.46
N TRP C 130 20.63 10.44 -0.41
CA TRP C 130 19.24 10.86 -0.35
C TRP C 130 18.30 9.71 0.04
N GLY C 131 18.86 8.70 0.72
CA GLY C 131 18.13 7.50 1.07
C GLY C 131 17.19 7.70 2.26
N ASP C 132 16.60 6.61 2.71
CA ASP C 132 15.65 6.59 3.81
C ASP C 132 16.29 7.05 5.11
N VAL C 133 15.52 7.74 5.94
CA VAL C 133 16.05 8.30 7.19
C VAL C 133 15.85 7.33 8.36
N ASP C 134 15.17 6.22 8.09
CA ASP C 134 15.10 5.08 9.02
C ASP C 134 14.53 3.88 8.27
N ASN C 135 14.46 2.72 8.92
CA ASN C 135 13.82 1.56 8.30
C ASN C 135 12.40 1.93 7.85
N ASP C 136 12.15 1.82 6.55
CA ASP C 136 10.83 2.13 5.98
C ASP C 136 10.35 3.57 6.17
N GLU C 137 11.28 4.52 6.30
CA GLU C 137 10.92 5.93 6.37
C GLU C 137 11.66 6.76 5.34
N ARG C 138 10.93 7.18 4.33
CA ARG C 138 11.50 7.93 3.23
C ARG C 138 11.99 9.28 3.72
N LEU C 139 13.05 9.77 3.08
CA LEU C 139 13.47 11.14 3.25
C LEU C 139 12.33 12.03 2.73
N PRO C 140 11.90 12.98 3.55
CA PRO C 140 10.79 13.86 3.14
C PRO C 140 11.22 14.97 2.17
N PRO C 141 10.27 15.47 1.38
CA PRO C 141 10.52 16.69 0.60
C PRO C 141 11.02 17.77 1.56
N PRO C 142 11.85 18.72 1.08
CA PRO C 142 12.31 18.86 -0.31
C PRO C 142 13.56 18.02 -0.62
N PHE C 143 13.76 16.92 0.10
CA PHE C 143 14.79 15.92 -0.22
C PHE C 143 16.22 16.45 -0.17
N PRO C 144 16.64 16.98 0.97
CA PRO C 144 17.99 17.53 1.05
C PRO C 144 19.02 16.39 1.08
N LEU C 145 20.21 16.62 0.53
CA LEU C 145 21.29 15.65 0.68
C LEU C 145 21.69 15.52 2.17
N LYS C 146 21.85 14.29 2.65
CA LYS C 146 22.21 14.06 4.05
C LYS C 146 23.61 13.50 4.20
N GLN C 147 24.20 13.76 5.37
CA GLN C 147 25.54 13.30 5.69
C GLN C 147 25.51 12.76 7.11
N VAL C 148 26.31 11.75 7.40
CA VAL C 148 26.43 11.25 8.76
C VAL C 148 27.80 10.63 8.98
N LYS C 149 28.41 10.95 10.12
CA LYS C 149 29.70 10.37 10.46
C LYS C 149 29.49 8.98 11.01
N VAL C 150 30.19 8.01 10.43
CA VAL C 150 30.11 6.64 10.94
C VAL C 150 31.46 6.06 11.31
N PRO C 151 31.51 5.36 12.45
CA PRO C 151 32.76 4.70 12.86
C PRO C 151 33.01 3.42 12.06
N ILE C 152 34.23 3.26 11.55
CA ILE C 152 34.66 2.01 10.96
C ILE C 152 34.70 0.91 12.02
N MET C 153 34.31 -0.30 11.64
CA MET C 153 34.51 -1.47 12.47
C MET C 153 35.27 -2.49 11.63
N GLU C 154 36.41 -2.94 12.13
CA GLU C 154 37.24 -3.87 11.35
C GLU C 154 36.50 -5.17 11.05
N ASN C 155 36.87 -5.81 9.93
CA ASN C 155 36.07 -6.91 9.38
C ASN C 155 35.76 -8.10 10.29
N HIS C 156 36.75 -8.61 11.01
CA HIS C 156 36.56 -9.78 11.88
C HIS C 156 35.58 -9.46 13.00
N ILE C 157 35.72 -8.28 13.59
CA ILE C 157 34.82 -7.81 14.62
C ILE C 157 33.42 -7.68 14.02
N CYS C 158 33.35 -7.15 12.81
CA CYS C 158 32.06 -6.90 12.18
C CYS C 158 31.40 -8.23 11.84
N ASP C 159 32.20 -9.16 11.34
CA ASP C 159 31.71 -10.49 11.01
C ASP C 159 31.13 -11.19 12.24
N ALA C 160 31.80 -11.02 13.37
CA ALA C 160 31.28 -11.61 14.61
C ALA C 160 29.99 -10.94 15.07
N LYS C 161 29.86 -9.63 14.87
CA LYS C 161 28.59 -8.98 15.21
C LYS C 161 27.47 -9.65 14.42
N TYR C 162 27.72 -9.91 13.14
CA TYR C 162 26.71 -10.51 12.27
C TYR C 162 26.36 -11.93 12.64
N HIS C 163 27.18 -12.59 13.43
CA HIS C 163 26.86 -13.95 13.86
C HIS C 163 25.99 -13.98 15.12
N LEU C 164 25.92 -12.84 15.81
CA LEU C 164 25.14 -12.71 17.04
C LEU C 164 23.66 -12.75 16.74
N GLY C 165 22.95 -13.71 17.32
CA GLY C 165 21.52 -13.80 17.16
C GLY C 165 21.15 -14.42 15.83
N ALA C 166 22.12 -15.09 15.21
CA ALA C 166 21.90 -15.76 13.93
C ALA C 166 22.30 -17.24 14.05
N TYR C 167 21.77 -18.08 13.15
CA TYR C 167 22.09 -19.52 13.11
C TYR C 167 23.42 -19.88 12.42
N THR C 168 23.98 -18.93 11.66
CA THR C 168 25.13 -19.18 10.80
C THR C 168 26.37 -19.63 11.60
N GLY C 169 26.99 -20.70 11.16
CA GLY C 169 28.21 -21.18 11.78
C GLY C 169 29.26 -20.10 11.94
N ASP C 170 29.91 -20.08 13.10
CA ASP C 170 30.93 -19.07 13.38
C ASP C 170 32.09 -19.12 12.40
N ASP C 171 32.24 -20.24 11.71
CA ASP C 171 33.29 -20.42 10.72
C ASP C 171 32.89 -19.90 9.35
N VAL C 172 31.60 -19.66 9.18
CA VAL C 172 31.10 -19.16 7.91
C VAL C 172 31.39 -17.67 7.90
N ARG C 173 32.11 -17.20 6.88
CA ARG C 173 32.43 -15.79 6.79
C ARG C 173 31.33 -15.01 6.08
N ILE C 174 30.76 -14.03 6.78
CA ILE C 174 29.69 -13.21 6.25
C ILE C 174 30.30 -11.92 5.68
N VAL C 175 31.12 -11.24 6.47
CA VAL C 175 31.84 -10.07 5.97
C VAL C 175 33.10 -10.52 5.22
N ARG C 176 33.11 -10.27 3.91
CA ARG C 176 34.16 -10.74 3.03
C ARG C 176 35.29 -9.72 2.95
N ASP C 177 36.42 -10.15 2.38
CA ASP C 177 37.61 -9.31 2.25
C ASP C 177 37.39 -8.12 1.31
N ASP C 178 36.47 -8.25 0.36
CA ASP C 178 36.12 -7.11 -0.49
C ASP C 178 35.06 -6.18 0.13
N MET C 179 34.83 -6.32 1.44
CA MET C 179 33.84 -5.51 2.12
C MET C 179 34.49 -4.79 3.29
N LEU C 180 33.70 -3.97 3.96
CA LEU C 180 34.18 -3.03 4.95
C LEU C 180 32.96 -2.64 5.77
N CYS C 181 33.10 -2.60 7.10
CA CYS C 181 31.97 -2.24 7.97
C CYS C 181 32.10 -0.86 8.58
N ALA C 182 30.97 -0.18 8.68
CA ALA C 182 30.88 1.15 9.27
C ALA C 182 29.49 1.33 9.83
N GLY C 183 29.36 2.21 10.82
CA GLY C 183 28.05 2.58 11.35
C GLY C 183 27.72 1.92 12.67
N ASN C 184 26.63 2.36 13.26
CA ASN C 184 26.16 1.78 14.49
C ASN C 184 24.66 1.95 14.58
N THR C 185 24.18 1.98 15.80
CA THR C 185 22.76 1.95 16.09
C THR C 185 22.13 3.35 15.98
N ARG C 186 22.95 4.34 15.67
CA ARG C 186 22.48 5.72 15.60
C ARG C 186 22.88 6.38 14.27
N ARG C 187 23.87 5.81 13.60
CA ARG C 187 24.43 6.44 12.41
C ARG C 187 24.66 5.36 11.37
N ASP C 188 24.04 5.53 10.21
CA ASP C 188 24.07 4.47 9.21
C ASP C 188 23.51 4.96 7.88
N SER C 189 23.80 4.20 6.83
CA SER C 189 23.25 4.41 5.52
C SER C 189 22.00 3.55 5.43
N CYS C 190 21.15 3.83 4.45
CA CYS C 190 19.94 3.06 4.31
C CYS C 190 19.52 2.93 2.84
N GLN C 191 18.43 2.21 2.60
CA GLN C 191 17.87 2.06 1.26
C GLN C 191 17.81 3.38 0.53
N GLY C 192 18.30 3.40 -0.70
CA GLY C 192 18.38 4.62 -1.47
C GLY C 192 19.73 5.33 -1.35
N ASP C 193 20.56 4.90 -0.42
CA ASP C 193 21.93 5.43 -0.29
C ASP C 193 22.86 4.51 -1.06
N SER C 194 22.36 3.29 -1.31
CA SER C 194 23.10 2.27 -2.04
C SER C 194 23.84 2.86 -3.23
N GLY C 195 25.11 2.47 -3.38
CA GLY C 195 25.96 2.92 -4.48
C GLY C 195 26.70 4.23 -4.22
N GLY C 196 26.34 4.91 -3.14
CA GLY C 196 26.95 6.18 -2.78
C GLY C 196 28.26 6.03 -2.01
N PRO C 197 28.98 7.14 -1.80
CA PRO C 197 30.33 7.08 -1.23
C PRO C 197 30.38 7.09 0.31
N LEU C 198 31.19 6.17 0.83
CA LEU C 198 31.71 6.28 2.19
C LEU C 198 33.08 6.89 2.07
N VAL C 199 33.25 8.11 2.57
CA VAL C 199 34.57 8.76 2.48
C VAL C 199 35.23 8.99 3.84
N CYS C 200 36.55 9.00 3.87
CA CYS C 200 37.30 9.22 5.09
C CYS C 200 38.38 10.25 4.79
N LYS C 201 38.68 11.10 5.77
CA LYS C 201 39.73 12.08 5.57
C LYS C 201 41.07 11.54 6.10
N VAL C 202 42.05 11.41 5.22
CA VAL C 202 43.39 11.00 5.64
C VAL C 202 44.48 11.90 5.08
N ASN C 203 45.30 12.44 5.97
CA ASN C 203 46.32 13.42 5.61
C ASN C 203 45.73 14.65 4.94
N GLY C 204 44.53 15.04 5.36
CA GLY C 204 43.86 16.16 4.73
C GLY C 204 43.28 15.87 3.35
N THR C 205 43.21 14.60 2.94
CA THR C 205 42.55 14.29 1.68
C THR C 205 41.36 13.34 1.86
N TRP C 206 40.22 13.70 1.28
CA TRP C 206 39.06 12.80 1.29
C TRP C 206 39.32 11.63 0.35
N LEU C 207 39.27 10.41 0.87
CA LEU C 207 39.40 9.21 0.02
C LEU C 207 38.11 8.42 0.07
N GLN C 208 37.63 7.97 -1.07
CA GLN C 208 36.47 7.08 -1.04
C GLN C 208 36.88 5.68 -0.66
N ALA C 209 36.57 5.30 0.57
CA ALA C 209 36.89 3.98 1.10
C ALA C 209 35.87 2.91 0.68
N GLY C 210 34.60 3.27 0.62
CA GLY C 210 33.56 2.31 0.35
C GLY C 210 32.42 2.77 -0.56
N VAL C 211 31.71 1.78 -1.10
CA VAL C 211 30.47 2.03 -1.82
C VAL C 211 29.35 1.41 -0.97
N VAL C 212 28.34 2.21 -0.62
CA VAL C 212 27.21 1.68 0.15
C VAL C 212 26.68 0.45 -0.55
N SER C 213 26.64 -0.69 0.15
CA SER C 213 26.28 -1.95 -0.49
C SER C 213 25.10 -2.66 0.15
N TRP C 214 25.25 -3.09 1.40
CA TRP C 214 24.15 -3.78 2.04
C TRP C 214 24.25 -3.80 3.55
N GLY C 215 23.31 -4.50 4.18
CA GLY C 215 23.37 -4.77 5.60
C GLY C 215 22.03 -5.33 6.02
N GLU C 216 21.89 -5.70 7.29
CA GLU C 216 20.58 -6.09 7.76
C GLU C 216 19.82 -4.91 8.35
N GLY C 217 18.86 -4.41 7.59
CA GLY C 217 18.18 -3.19 7.97
C GLY C 217 19.16 -2.04 8.09
N CYS C 218 18.68 -0.99 8.73
CA CYS C 218 19.48 0.22 8.92
C CYS C 218 19.58 0.45 10.41
N ALA C 219 20.79 0.82 10.86
CA ALA C 219 21.06 1.09 12.27
C ALA C 219 20.41 0.10 13.25
N GLN C 220 20.35 -1.18 12.89
CA GLN C 220 19.92 -2.23 13.82
C GLN C 220 21.08 -2.72 14.69
N PRO C 221 20.77 -3.13 15.94
CA PRO C 221 21.74 -3.70 16.88
C PRO C 221 22.53 -4.84 16.26
N ASN C 222 23.85 -4.80 16.42
CA ASN C 222 24.76 -5.82 15.91
C ASN C 222 24.71 -6.00 14.38
N ARG C 223 24.29 -4.97 13.65
CA ARG C 223 24.23 -5.07 12.20
C ARG C 223 24.76 -3.80 11.53
N PRO C 224 26.06 -3.53 11.68
CA PRO C 224 26.70 -2.37 11.06
C PRO C 224 26.45 -2.38 9.54
N GLY C 225 26.46 -1.20 8.92
CA GLY C 225 26.40 -1.10 7.46
C GLY C 225 27.59 -1.80 6.78
N ILE C 226 27.31 -2.49 5.68
CA ILE C 226 28.37 -3.13 4.90
C ILE C 226 28.63 -2.44 3.54
N TYR C 227 29.90 -2.16 3.26
CA TYR C 227 30.28 -1.40 2.08
C TYR C 227 31.19 -2.25 1.21
N THR C 228 31.16 -2.01 -0.10
CA THR C 228 32.13 -2.63 -0.97
C THR C 228 33.44 -1.90 -0.72
N ARG C 229 34.51 -2.66 -0.51
CA ARG C 229 35.81 -2.08 -0.19
C ARG C 229 36.51 -1.68 -1.48
N VAL C 230 36.62 -0.38 -1.71
CA VAL C 230 37.20 0.13 -2.95
C VAL C 230 38.62 -0.36 -3.27
N THR C 231 39.49 -0.44 -2.28
CA THR C 231 40.87 -0.84 -2.55
C THR C 231 40.91 -2.19 -3.22
N TYR C 232 39.96 -3.05 -2.87
CA TYR C 232 39.92 -4.41 -3.40
C TYR C 232 39.72 -4.43 -4.93
N TYR C 233 39.11 -3.36 -5.45
CA TYR C 233 38.66 -3.30 -6.85
C TYR C 233 39.40 -2.23 -7.69
N LEU C 234 40.46 -1.67 -7.12
CA LEU C 234 41.25 -0.63 -7.78
C LEU C 234 41.72 -1.06 -9.16
N ASP C 235 42.30 -2.26 -9.25
CA ASP C 235 42.82 -2.74 -10.52
C ASP C 235 41.70 -2.87 -11.56
N TRP C 236 40.55 -3.38 -11.17
CA TRP C 236 39.40 -3.47 -12.09
C TRP C 236 38.91 -2.06 -12.53
N ILE C 237 38.81 -1.16 -11.57
CA ILE C 237 38.42 0.22 -11.86
C ILE C 237 39.37 0.87 -12.86
N HIS C 238 40.68 0.75 -12.63
CA HIS C 238 41.64 1.41 -13.50
C HIS C 238 41.76 0.73 -14.84
N HIS C 239 41.11 -0.41 -15.00
CA HIS C 239 41.10 -1.01 -16.32
C HIS C 239 40.17 -0.23 -17.27
N TYR C 240 39.26 0.56 -16.69
CA TYR C 240 38.30 1.31 -17.50
C TYR C 240 38.44 2.81 -17.36
N VAL C 241 38.81 3.27 -16.16
CA VAL C 241 38.88 4.70 -15.89
C VAL C 241 40.30 5.26 -15.85
N PRO C 242 40.59 6.27 -16.68
CA PRO C 242 41.90 6.94 -16.71
C PRO C 242 42.30 7.51 -15.34
N LYS C 243 43.60 7.50 -15.05
N ILE D 1 -17.41 -5.68 11.99
CA ILE D 1 -17.94 -5.58 13.33
C ILE D 1 -16.84 -5.32 14.37
N VAL D 2 -16.98 -4.22 15.09
CA VAL D 2 -16.04 -3.87 16.14
C VAL D 2 -16.45 -4.51 17.45
CA GLY D 3 -16.12 -5.97 19.38
C GLY D 3 -17.04 -7.16 19.13
N GLY D 4 -17.83 -7.50 20.14
CA GLY D 4 -18.70 -8.67 20.08
C GLY D 4 -17.97 -9.98 19.98
N GLN D 5 -18.56 -10.89 19.21
CA GLN D 5 -18.02 -12.25 19.09
C GLN D 5 -18.48 -12.89 17.79
N GLU D 6 -17.84 -13.99 17.42
CA GLU D 6 -18.33 -14.83 16.34
C GLU D 6 -19.75 -15.27 16.64
N ALA D 7 -20.59 -15.23 15.61
CA ALA D 7 -21.95 -15.68 15.75
C ALA D 7 -22.01 -17.20 15.84
N PRO D 8 -22.85 -17.72 16.75
CA PRO D 8 -23.22 -19.14 16.75
C PRO D 8 -23.82 -19.52 15.40
N ARG D 9 -23.53 -20.72 14.93
CA ARG D 9 -23.99 -21.18 13.64
C ARG D 9 -25.51 -21.15 13.46
N SER D 10 -26.27 -21.12 14.54
CA SER D 10 -27.73 -21.11 14.43
C SER D 10 -28.35 -19.69 14.34
N LYS D 11 -27.54 -18.67 14.57
CA LYS D 11 -28.01 -17.30 14.62
C LYS D 11 -28.02 -16.61 13.25
N TRP D 12 -28.95 -15.69 13.06
CA TRP D 12 -28.96 -14.79 11.90
C TRP D 12 -29.05 -15.52 10.55
N PRO D 13 -30.04 -16.42 10.40
CA PRO D 13 -30.18 -17.18 9.14
C PRO D 13 -30.46 -16.28 7.93
N TRP D 14 -30.84 -15.03 8.17
CA TRP D 14 -31.14 -14.09 7.08
C TRP D 14 -29.91 -13.32 6.54
N GLN D 15 -28.75 -13.39 7.21
CA GLN D 15 -27.57 -12.61 6.77
C GLN D 15 -27.04 -13.05 5.43
N VAL D 16 -26.78 -12.09 4.54
CA VAL D 16 -26.13 -12.43 3.27
C VAL D 16 -24.90 -11.60 2.98
N SER D 17 -24.03 -12.16 2.15
CA SER D 17 -22.83 -11.52 1.67
C SER D 17 -23.01 -11.14 0.20
N LEU D 18 -22.74 -9.88 -0.15
CA LEU D 18 -22.70 -9.43 -1.55
C LEU D 18 -21.26 -9.54 -2.06
N ARG D 19 -21.13 -10.01 -3.31
CA ARG D 19 -19.84 -10.32 -3.90
C ARG D 19 -19.67 -9.64 -5.24
N VAL D 20 -18.50 -9.08 -5.49
CA VAL D 20 -18.24 -8.41 -6.76
C VAL D 20 -17.20 -9.23 -7.52
N HIS D 21 -17.41 -9.36 -8.83
CA HIS D 21 -16.54 -10.20 -9.65
C HIS D 21 -15.15 -9.60 -9.74
N GLY D 22 -14.14 -10.44 -9.61
CA GLY D 22 -12.76 -10.03 -9.78
C GLY D 22 -11.86 -11.25 -9.83
N PRO D 23 -10.64 -11.13 -9.30
CA PRO D 23 -9.79 -12.32 -9.16
C PRO D 23 -10.49 -13.41 -8.35
N TYR D 24 -11.35 -13.01 -7.41
CA TYR D 24 -12.28 -13.95 -6.81
C TYR D 24 -13.55 -13.18 -6.50
N TRP D 25 -14.62 -13.89 -6.15
CA TRP D 25 -15.89 -13.23 -5.87
C TRP D 25 -15.82 -12.64 -4.47
N MET D 26 -15.33 -11.41 -4.39
CA MET D 26 -14.96 -10.79 -3.12
C MET D 26 -16.15 -10.12 -2.41
N HIS D 27 -16.27 -10.39 -1.11
CA HIS D 27 -17.26 -9.72 -0.27
C HIS D 27 -17.05 -8.21 -0.23
N PHE D 28 -18.10 -7.44 -0.46
CA PHE D 28 -17.98 -5.97 -0.37
C PHE D 28 -19.04 -5.30 0.53
N CYS D 29 -20.14 -5.99 0.80
CA CYS D 29 -21.23 -5.48 1.63
C CYS D 29 -22.07 -6.63 2.13
N GLY D 30 -22.86 -6.36 3.17
CA GLY D 30 -23.80 -7.33 3.66
C GLY D 30 -25.20 -7.01 3.17
N GLY D 31 -26.14 -7.89 3.50
CA GLY D 31 -27.54 -7.68 3.18
C GLY D 31 -28.35 -8.63 4.04
N SER D 32 -29.67 -8.59 3.92
CA SER D 32 -30.52 -9.54 4.64
C SER D 32 -31.60 -10.14 3.72
N LEU D 33 -31.91 -11.41 3.93
CA LEU D 33 -32.98 -12.05 3.18
C LEU D 33 -34.32 -11.69 3.84
N ILE D 34 -35.16 -10.90 3.15
CA ILE D 34 -36.42 -10.47 3.73
C ILE D 34 -37.58 -11.14 3.04
N HIS D 35 -37.28 -11.87 1.99
CA HIS D 35 -38.25 -12.65 1.25
C HIS D 35 -37.44 -13.71 0.54
N PRO D 36 -38.07 -14.83 0.16
CA PRO D 36 -37.29 -15.89 -0.50
C PRO D 36 -36.61 -15.43 -1.80
N GLN D 37 -37.14 -14.39 -2.43
CA GLN D 37 -36.56 -13.91 -3.69
C GLN D 37 -36.01 -12.48 -3.62
N TRP D 38 -36.01 -11.86 -2.44
CA TRP D 38 -35.53 -10.48 -2.29
C TRP D 38 -34.53 -10.28 -1.15
N VAL D 39 -33.49 -9.52 -1.46
CA VAL D 39 -32.47 -9.17 -0.49
C VAL D 39 -32.53 -7.67 -0.19
N LEU D 40 -32.45 -7.33 1.08
CA LEU D 40 -32.48 -5.94 1.49
C LEU D 40 -31.03 -5.52 1.79
N THR D 41 -30.58 -4.39 1.23
CA THR D 41 -29.23 -3.93 1.45
C THR D 41 -29.19 -2.40 1.48
N ALA D 42 -28.00 -1.79 1.53
CA ALA D 42 -27.87 -0.34 1.46
C ALA D 42 -27.68 0.14 0.01
N ALA D 43 -28.28 1.28 -0.31
CA ALA D 43 -28.08 1.88 -1.62
C ALA D 43 -26.60 2.15 -1.96
N HIS D 44 -25.81 2.65 -1.00
CA HIS D 44 -24.43 3.04 -1.34
C HIS D 44 -23.57 1.85 -1.69
N CYS D 45 -24.09 0.65 -1.40
CA CYS D 45 -23.40 -0.58 -1.76
C CYS D 45 -23.49 -0.86 -3.26
N VAL D 46 -24.54 -0.38 -3.91
CA VAL D 46 -24.74 -0.66 -5.34
C VAL D 46 -24.92 0.58 -6.21
N GLY D 47 -24.94 1.76 -5.60
CA GLY D 47 -25.08 3.01 -6.33
C GLY D 47 -24.22 4.10 -5.72
N PRO D 48 -24.45 5.35 -6.12
CA PRO D 48 -25.59 5.70 -6.98
C PRO D 48 -25.34 5.35 -8.46
N ASP D 49 -24.11 5.03 -8.83
CA ASP D 49 -23.83 4.66 -10.21
C ASP D 49 -24.36 3.27 -10.55
N VAL D 50 -25.02 3.14 -11.69
CA VAL D 50 -25.52 1.86 -12.15
C VAL D 50 -24.36 0.97 -12.56
N LYS D 51 -24.24 -0.22 -11.96
CA LYS D 51 -23.24 -1.19 -12.38
C LYS D 51 -23.90 -2.39 -13.08
N ASP D 52 -23.10 -3.23 -13.72
CA ASP D 52 -23.62 -4.39 -14.47
C ASP D 52 -24.08 -5.51 -13.54
N LEU D 53 -25.29 -6.05 -13.75
CA LEU D 53 -25.77 -7.19 -12.95
C LEU D 53 -24.81 -8.38 -12.95
N ALA D 54 -24.13 -8.60 -14.06
CA ALA D 54 -23.29 -9.79 -14.21
C ALA D 54 -22.13 -9.80 -13.23
N ALA D 55 -21.76 -8.62 -12.75
CA ALA D 55 -20.61 -8.48 -11.85
C ALA D 55 -20.98 -8.68 -10.38
N LEU D 56 -22.23 -9.03 -10.11
CA LEU D 56 -22.73 -9.17 -8.75
C LEU D 56 -23.26 -10.59 -8.46
N ARG D 57 -22.98 -11.07 -7.26
CA ARG D 57 -23.52 -12.33 -6.78
C ARG D 57 -23.95 -12.12 -5.34
N VAL D 58 -24.89 -12.94 -4.90
CA VAL D 58 -25.31 -12.96 -3.52
C VAL D 58 -24.94 -14.32 -2.96
N GLN D 59 -24.40 -14.33 -1.75
CA GLN D 59 -24.10 -15.57 -1.05
C GLN D 59 -24.99 -15.60 0.20
N LEU D 60 -25.68 -16.72 0.42
CA LEU D 60 -26.54 -16.83 1.59
C LEU D 60 -25.69 -17.14 2.83
N ARG D 61 -26.32 -17.29 3.98
CA ARG D 61 -25.56 -17.36 5.23
C ARG D 61 -24.53 -18.48 5.25
N GLU D 62 -23.29 -18.10 5.51
CA GLU D 62 -22.17 -19.00 5.71
C GLU D 62 -21.59 -18.69 7.09
N GLN D 63 -21.07 -19.68 7.78
CA GLN D 63 -20.39 -19.39 9.03
C GLN D 63 -19.04 -18.68 8.78
N HIS D 64 -18.34 -19.10 7.73
CA HIS D 64 -17.04 -18.52 7.32
C HIS D 64 -17.03 -18.14 5.84
N LEU D 65 -16.81 -16.87 5.53
CA LEU D 65 -16.85 -16.42 4.13
C LEU D 65 -15.94 -17.24 3.23
N TYR D 66 -16.44 -17.50 2.02
CA TYR D 66 -15.67 -18.10 0.93
C TYR D 66 -15.51 -19.61 1.00
N TYR D 67 -15.68 -20.20 2.17
CA TYR D 67 -15.39 -21.63 2.28
C TYR D 67 -16.39 -22.57 1.58
N GLN D 68 -17.68 -22.32 1.73
CA GLN D 68 -18.64 -23.19 1.06
C GLN D 68 -19.52 -22.47 0.02
N ASP D 69 -18.94 -21.58 -0.78
CA ASP D 69 -19.72 -20.67 -1.61
C ASP D 69 -20.73 -21.36 -2.56
N GLN D 70 -21.93 -20.83 -2.60
CA GLN D 70 -22.92 -21.18 -3.60
C GLN D 70 -23.54 -19.89 -4.10
N LEU D 71 -22.89 -19.26 -5.06
CA LEU D 71 -23.23 -17.91 -5.48
C LEU D 71 -24.55 -17.86 -6.23
N LEU D 72 -25.33 -16.83 -5.96
CA LEU D 72 -26.65 -16.69 -6.54
C LEU D 72 -26.71 -15.43 -7.40
N PRO D 73 -27.11 -15.59 -8.67
CA PRO D 73 -27.23 -14.44 -9.56
C PRO D 73 -28.41 -13.53 -9.18
N VAL D 74 -28.31 -12.25 -9.52
CA VAL D 74 -29.34 -11.26 -9.23
C VAL D 74 -29.97 -10.84 -10.56
N SER D 75 -31.29 -10.69 -10.60
CA SER D 75 -31.94 -10.28 -11.85
C SER D 75 -32.39 -8.81 -11.86
N ARG D 76 -32.56 -8.23 -10.67
CA ARG D 76 -32.87 -6.81 -10.53
C ARG D 76 -32.16 -6.18 -9.35
N ILE D 77 -31.66 -4.96 -9.54
CA ILE D 77 -31.16 -4.14 -8.45
C ILE D 77 -32.05 -2.91 -8.40
N ILE D 78 -32.71 -2.67 -7.27
CA ILE D 78 -33.65 -1.57 -7.15
C ILE D 78 -33.15 -0.61 -6.08
N VAL D 79 -32.89 0.61 -6.48
CA VAL D 79 -32.28 1.56 -5.56
C VAL D 79 -33.25 2.67 -5.29
N HIS D 80 -33.40 3.06 -4.04
CA HIS D 80 -34.32 4.12 -3.73
C HIS D 80 -33.93 5.34 -4.56
N PRO D 81 -34.91 5.98 -5.21
CA PRO D 81 -34.66 7.10 -6.12
C PRO D 81 -34.19 8.37 -5.43
N GLN D 82 -34.46 8.54 -4.14
CA GLN D 82 -33.96 9.72 -3.45
C GLN D 82 -32.44 9.62 -3.16
N PHE D 83 -31.87 8.45 -3.32
CA PHE D 83 -30.47 8.25 -2.86
C PHE D 83 -29.41 8.78 -3.80
N TYR D 84 -28.45 9.51 -3.23
CA TYR D 84 -27.15 9.62 -3.87
C TYR D 84 -25.98 9.62 -2.87
N THR D 85 -26.23 9.99 -1.62
CA THR D 85 -25.19 9.90 -0.60
C THR D 85 -25.72 9.33 0.72
N ALA D 86 -24.94 8.48 1.38
CA ALA D 86 -25.35 7.92 2.67
C ALA D 86 -25.72 9.01 3.69
N GLN D 87 -25.00 10.14 3.69
CA GLN D 87 -25.21 11.22 4.65
C GLN D 87 -26.47 12.00 4.41
N ILE D 88 -26.96 12.01 3.18
CA ILE D 88 -28.22 12.67 2.93
C ILE D 88 -29.38 11.73 3.30
N GLY D 89 -29.21 10.44 3.00
CA GLY D 89 -30.18 9.46 3.43
C GLY D 89 -30.76 8.66 2.29
N ALA D 90 -31.91 8.04 2.53
CA ALA D 90 -32.53 7.12 1.56
C ALA D 90 -31.55 6.01 1.16
N ASP D 91 -30.66 5.65 2.08
CA ASP D 91 -29.63 4.64 1.83
C ASP D 91 -30.19 3.24 1.96
N ILE D 92 -31.00 2.86 0.98
CA ILE D 92 -31.67 1.57 1.04
C ILE D 92 -31.82 1.03 -0.37
N ALA D 93 -31.67 -0.27 -0.55
CA ALA D 93 -31.82 -0.87 -1.87
C ALA D 93 -32.36 -2.29 -1.76
N LEU D 94 -32.81 -2.83 -2.91
CA LEU D 94 -33.37 -4.18 -3.01
C LEU D 94 -32.75 -4.99 -4.14
N LEU D 95 -32.37 -6.23 -3.86
CA LEU D 95 -31.92 -7.12 -4.93
C LEU D 95 -32.96 -8.23 -5.12
N GLU D 96 -33.42 -8.41 -6.36
CA GLU D 96 -34.29 -9.54 -6.66
C GLU D 96 -33.39 -10.67 -7.13
N LEU D 97 -33.49 -11.80 -6.47
CA LEU D 97 -32.72 -12.95 -6.87
C LEU D 97 -33.36 -13.49 -8.13
N GLU D 98 -32.52 -14.01 -9.01
CA GLU D 98 -32.98 -14.60 -10.26
C GLU D 98 -34.00 -15.70 -9.98
N GLU D 99 -33.70 -16.53 -8.98
CA GLU D 99 -34.61 -17.60 -8.58
C GLU D 99 -34.90 -17.49 -7.07
N PRO D 100 -36.09 -17.91 -6.63
CA PRO D 100 -36.34 -17.95 -5.18
C PRO D 100 -35.45 -18.97 -4.46
N VAL D 101 -35.22 -18.72 -3.18
CA VAL D 101 -34.45 -19.59 -2.31
C VAL D 101 -35.36 -20.59 -1.59
N LYS D 102 -34.91 -21.85 -1.50
CA LYS D 102 -35.66 -22.84 -0.72
C LYS D 102 -35.28 -22.74 0.76
N VAL D 103 -36.13 -22.07 1.53
CA VAL D 103 -35.88 -21.78 2.95
C VAL D 103 -35.51 -23.04 3.76
N SER D 104 -34.49 -22.93 4.60
CA SER D 104 -33.99 -24.06 5.41
C SER D 104 -34.08 -23.74 6.89
N SER D 105 -33.33 -24.49 7.68
CA SER D 105 -33.16 -24.17 9.09
C SER D 105 -32.13 -23.07 9.18
N HIS D 106 -31.05 -23.24 8.41
CA HIS D 106 -29.92 -22.32 8.43
C HIS D 106 -30.11 -21.12 7.52
N VAL D 107 -31.20 -21.10 6.76
CA VAL D 107 -31.47 -19.97 5.88
C VAL D 107 -32.94 -19.62 5.88
N HIS D 108 -33.27 -18.48 6.46
CA HIS D 108 -34.62 -17.95 6.30
C HIS D 108 -34.69 -16.44 6.51
N THR D 109 -35.86 -15.89 6.19
CA THR D 109 -36.07 -14.46 6.10
C THR D 109 -36.18 -13.85 7.46
N VAL D 110 -35.86 -12.57 7.54
CA VAL D 110 -35.99 -11.82 8.76
C VAL D 110 -37.32 -11.06 8.61
N THR D 111 -37.99 -10.78 9.72
CA THR D 111 -39.26 -10.08 9.68
C THR D 111 -39.05 -8.57 9.72
N LEU D 112 -39.78 -7.83 8.89
CA LEU D 112 -39.71 -6.38 8.94
C LEU D 112 -40.54 -5.90 10.13
N PRO D 113 -40.21 -4.71 10.67
CA PRO D 113 -40.96 -4.17 11.81
C PRO D 113 -42.29 -3.53 11.38
N PRO D 114 -43.28 -3.58 12.28
CA PRO D 114 -44.48 -2.79 12.09
C PRO D 114 -44.07 -1.32 12.10
N ALA D 115 -44.74 -0.52 11.29
CA ALA D 115 -44.54 0.93 11.27
C ALA D 115 -44.51 1.58 12.67
N SER D 116 -45.17 0.96 13.65
CA SER D 116 -45.29 1.57 14.98
C SER D 116 -44.02 1.49 15.82
N GLU D 117 -43.10 0.61 15.44
CA GLU D 117 -41.97 0.33 16.32
C GLU D 117 -40.90 1.39 16.18
N THR D 118 -40.56 2.04 17.28
CA THR D 118 -39.58 3.12 17.26
C THR D 118 -38.19 2.64 17.71
N PHE D 119 -38.14 1.47 18.33
CA PHE D 119 -36.88 0.93 18.86
C PHE D 119 -36.19 1.89 19.83
N PRO D 120 -36.79 2.06 21.02
CA PRO D 120 -36.28 2.90 22.09
C PRO D 120 -34.97 2.34 22.64
N PRO D 121 -34.16 3.17 23.32
CA PRO D 121 -33.00 2.68 24.04
C PRO D 121 -33.40 1.57 25.00
N GLY D 122 -32.52 0.59 25.19
CA GLY D 122 -32.78 -0.47 26.16
C GLY D 122 -33.27 -1.76 25.55
N MET D 123 -33.59 -1.73 24.27
CA MET D 123 -33.99 -2.92 23.55
C MET D 123 -32.78 -3.77 23.20
N PRO D 124 -32.94 -5.10 23.23
CA PRO D 124 -31.79 -5.94 22.86
C PRO D 124 -31.59 -5.96 21.34
N CYS D 125 -30.52 -5.36 20.85
CA CYS D 125 -30.30 -5.28 19.42
C CYS D 125 -28.88 -5.69 19.03
N TRP D 126 -28.79 -6.42 17.93
CA TRP D 126 -27.51 -6.88 17.39
C TRP D 126 -27.34 -6.42 15.96
N VAL D 127 -26.11 -6.01 15.62
CA VAL D 127 -25.71 -5.87 14.23
C VAL D 127 -24.71 -6.99 13.88
N THR D 128 -24.74 -7.46 12.64
CA THR D 128 -23.92 -8.62 12.24
C THR D 128 -23.25 -8.38 10.90
N GLY D 129 -22.14 -9.06 10.64
CA GLY D 129 -21.47 -8.88 9.36
C GLY D 129 -20.07 -9.43 9.32
N TRP D 130 -19.45 -9.38 8.14
CA TRP D 130 -18.07 -9.79 7.98
C TRP D 130 -17.14 -8.60 7.71
N GLY D 131 -17.53 -7.42 8.19
CA GLY D 131 -16.78 -6.21 7.95
C GLY D 131 -15.55 -6.10 8.83
N ASP D 132 -14.83 -5.00 8.69
CA ASP D 132 -13.64 -4.73 9.50
C ASP D 132 -13.93 -4.78 11.01
N VAL D 133 -12.92 -5.19 11.77
CA VAL D 133 -13.01 -5.33 13.21
C VAL D 133 -12.50 -4.10 13.97
N ASP D 134 -11.95 -3.15 13.21
CA ASP D 134 -11.63 -1.82 13.71
C ASP D 134 -11.32 -0.95 12.50
N ASN D 135 -11.23 0.37 12.72
CA ASN D 135 -10.79 1.28 11.69
C ASN D 135 -9.54 0.72 10.98
N ASP D 136 -9.66 0.48 9.67
CA ASP D 136 -8.55 0.04 8.82
C ASP D 136 -7.97 -1.31 9.25
N GLU D 137 -8.81 -2.17 9.78
CA GLU D 137 -8.37 -3.46 10.28
C GLU D 137 -9.34 -4.49 9.76
N ARG D 138 -8.86 -5.38 8.89
CA ARG D 138 -9.72 -6.33 8.22
C ARG D 138 -10.11 -7.49 9.14
N LEU D 139 -11.22 -8.13 8.83
CA LEU D 139 -11.55 -9.38 9.48
C LEU D 139 -10.52 -10.39 8.97
N PRO D 140 -9.88 -11.11 9.90
CA PRO D 140 -8.87 -12.11 9.54
C PRO D 140 -9.51 -13.42 9.09
N PRO D 141 -8.81 -14.19 8.25
CA PRO D 141 -9.25 -15.55 7.94
C PRO D 141 -9.43 -16.32 9.25
N PRO D 142 -10.36 -17.28 9.30
CA PRO D 142 -11.22 -17.71 8.19
C PRO D 142 -12.51 -16.89 8.07
N PHE D 143 -12.50 -15.61 8.44
CA PHE D 143 -13.65 -14.74 8.18
C PHE D 143 -14.95 -15.23 8.82
N PRO D 144 -14.96 -15.39 10.14
CA PRO D 144 -16.17 -15.84 10.85
C PRO D 144 -17.23 -14.73 10.84
N LEU D 145 -18.49 -15.07 10.61
CA LEU D 145 -19.55 -14.07 10.79
C LEU D 145 -19.49 -13.54 12.23
N LYS D 146 -19.45 -12.22 12.39
CA LYS D 146 -19.44 -11.60 13.72
C LYS D 146 -20.77 -10.95 14.10
N GLN D 147 -21.00 -10.78 15.39
CA GLN D 147 -22.19 -10.13 15.88
C GLN D 147 -21.76 -9.25 17.04
N VAL D 148 -22.40 -8.09 17.19
CA VAL D 148 -22.19 -7.34 18.39
C VAL D 148 -23.51 -6.72 18.84
N LYS D 149 -23.73 -6.72 20.14
CA LYS D 149 -24.92 -6.12 20.72
C LYS D 149 -24.66 -4.64 20.87
N VAL D 150 -25.51 -3.82 20.27
CA VAL D 150 -25.26 -2.39 20.26
C VAL D 150 -26.37 -1.65 21.00
N PRO D 151 -26.00 -0.60 21.73
CA PRO D 151 -27.03 0.22 22.39
C PRO D 151 -27.67 1.24 21.43
N ILE D 152 -28.99 1.20 21.33
CA ILE D 152 -29.73 2.19 20.56
C ILE D 152 -29.70 3.54 21.24
N MET D 153 -29.50 4.58 20.45
CA MET D 153 -29.53 5.95 20.95
C MET D 153 -30.60 6.71 20.18
N GLU D 154 -31.41 7.48 20.90
CA GLU D 154 -32.48 8.27 20.27
C GLU D 154 -31.91 9.25 19.27
N ASN D 155 -32.66 9.49 18.19
CA ASN D 155 -32.18 10.34 17.11
C ASN D 155 -31.72 11.71 17.55
N HIS D 156 -32.52 12.39 18.37
CA HIS D 156 -32.19 13.75 18.75
C HIS D 156 -30.91 13.79 19.58
N ILE D 157 -30.71 12.76 20.39
CA ILE D 157 -29.48 12.62 21.17
C ILE D 157 -28.28 12.36 20.25
N CYS D 158 -28.49 11.44 19.30
CA CYS D 158 -27.44 11.07 18.37
C CYS D 158 -27.07 12.23 17.47
N ASP D 159 -28.09 12.97 17.01
CA ASP D 159 -27.86 14.15 16.17
C ASP D 159 -26.98 15.14 16.88
N ALA D 160 -27.28 15.36 18.16
CA ALA D 160 -26.53 16.29 19.00
C ALA D 160 -25.09 15.84 19.14
N LYS D 161 -24.91 14.54 19.35
CA LYS D 161 -23.54 14.03 19.49
C LYS D 161 -22.69 14.27 18.25
N TYR D 162 -23.31 14.21 17.07
CA TYR D 162 -22.57 14.43 15.82
C TYR D 162 -22.08 15.86 15.65
N HIS D 163 -22.64 16.78 16.42
CA HIS D 163 -22.18 18.18 16.43
C HIS D 163 -21.00 18.42 17.41
N LEU D 164 -20.86 17.55 18.40
CA LEU D 164 -19.78 17.61 19.39
C LEU D 164 -18.43 17.59 18.69
N GLY D 165 -17.64 18.63 18.88
CA GLY D 165 -16.30 18.68 18.30
C GLY D 165 -16.31 18.92 16.79
N ALA D 166 -17.41 19.45 16.27
CA ALA D 166 -17.53 19.78 14.85
C ALA D 166 -17.91 21.25 14.70
N TYR D 167 -17.77 21.79 13.49
CA TYR D 167 -18.12 23.18 13.23
C TYR D 167 -19.59 23.35 12.87
N THR D 168 -20.28 22.25 12.62
CA THR D 168 -21.63 22.29 12.10
C THR D 168 -22.60 22.97 13.06
N GLY D 169 -23.41 23.87 12.53
CA GLY D 169 -24.40 24.55 13.33
C GLY D 169 -25.39 23.60 13.99
N ASP D 170 -25.74 23.94 15.22
CA ASP D 170 -26.67 23.14 16.02
C ASP D 170 -28.04 22.94 15.38
N ASP D 171 -28.50 23.94 14.64
CA ASP D 171 -29.79 23.84 14.00
C ASP D 171 -29.70 23.13 12.65
N VAL D 172 -28.54 22.57 12.33
CA VAL D 172 -28.40 21.79 11.11
C VAL D 172 -28.52 20.35 11.51
N ARG D 173 -29.49 19.65 10.93
CA ARG D 173 -29.78 18.28 11.36
C ARG D 173 -28.95 17.29 10.56
N ILE D 174 -28.10 16.56 11.26
CA ILE D 174 -27.20 15.62 10.61
C ILE D 174 -27.85 14.23 10.55
N VAL D 175 -28.40 13.79 11.66
CA VAL D 175 -29.05 12.49 11.74
C VAL D 175 -30.53 12.72 11.46
N ARG D 176 -31.02 12.15 10.37
CA ARG D 176 -32.36 12.49 9.92
C ARG D 176 -33.39 11.47 10.40
N ASP D 177 -34.66 11.80 10.18
CA ASP D 177 -35.76 10.97 10.61
C ASP D 177 -35.78 9.58 9.97
N ASP D 178 -35.20 9.43 8.78
CA ASP D 178 -35.14 8.12 8.16
C ASP D 178 -33.90 7.35 8.60
N MET D 179 -33.20 7.86 9.61
CA MET D 179 -32.06 7.14 10.17
C MET D 179 -32.32 6.72 11.61
N LEU D 180 -31.45 5.86 12.11
CA LEU D 180 -31.53 5.35 13.46
C LEU D 180 -30.07 5.24 13.91
N CYS D 181 -29.80 5.37 15.21
CA CYS D 181 -28.43 5.37 15.72
C CYS D 181 -28.20 4.26 16.72
N ALA D 182 -27.04 3.60 16.63
CA ALA D 182 -26.66 2.56 17.59
C ALA D 182 -25.14 2.37 17.67
N GLY D 183 -24.67 1.94 18.83
CA GLY D 183 -23.28 1.58 19.05
C GLY D 183 -22.60 2.56 19.98
N ASN D 184 -21.43 2.18 20.48
CA ASN D 184 -20.57 3.06 21.27
C ASN D 184 -19.13 2.82 20.90
N THR D 185 -18.19 3.18 21.79
CA THR D 185 -16.77 3.02 21.48
C THR D 185 -16.24 1.59 21.60
N ARG D 186 -17.07 0.63 21.98
CA ARG D 186 -16.61 -0.77 22.03
C ARG D 186 -17.44 -1.67 21.11
N ARG D 187 -18.45 -1.10 20.47
CA ARG D 187 -19.46 -1.85 19.77
C ARG D 187 -19.98 -1.02 18.63
N ASP D 188 -19.77 -1.51 17.41
CA ASP D 188 -20.18 -0.77 16.23
C ASP D 188 -20.05 -1.66 15.04
N SER D 189 -20.75 -1.29 13.97
CA SER D 189 -20.50 -1.87 12.67
C SER D 189 -19.32 -1.15 12.02
N CYS D 190 -18.80 -1.68 10.91
CA CYS D 190 -17.69 -1.02 10.23
C CYS D 190 -17.69 -1.30 8.71
N GLN D 191 -16.73 -0.72 8.00
CA GLN D 191 -16.58 -0.96 6.56
C GLN D 191 -16.73 -2.47 6.25
N GLY D 192 -17.57 -2.79 5.27
CA GLY D 192 -17.85 -4.18 4.97
C GLY D 192 -19.09 -4.74 5.65
N ASP D 193 -19.55 -4.06 6.70
CA ASP D 193 -20.84 -4.39 7.31
C ASP D 193 -21.97 -3.68 6.57
N SER D 194 -21.64 -2.56 5.92
CA SER D 194 -22.60 -1.78 5.13
C SER D 194 -23.65 -2.66 4.43
N GLY D 195 -24.90 -2.27 4.54
CA GLY D 195 -25.96 -3.02 3.88
C GLY D 195 -26.53 -4.15 4.74
N GLY D 196 -25.80 -4.53 5.78
CA GLY D 196 -26.25 -5.62 6.65
C GLY D 196 -27.28 -5.20 7.69
N PRO D 197 -27.84 -6.18 8.40
CA PRO D 197 -28.97 -6.01 9.32
C PRO D 197 -28.64 -5.53 10.72
N LEU D 198 -29.45 -4.61 11.24
CA LEU D 198 -29.51 -4.35 12.67
C LEU D 198 -30.83 -4.98 13.06
N VAL D 199 -30.82 -5.96 13.96
CA VAL D 199 -32.04 -6.62 14.38
C VAL D 199 -32.29 -6.50 15.89
N CYS D 200 -33.57 -6.48 16.26
CA CYS D 200 -33.94 -6.38 17.66
C CYS D 200 -35.00 -7.43 18.01
N LYS D 201 -34.89 -8.00 19.20
CA LYS D 201 -35.82 -9.02 19.66
C LYS D 201 -37.02 -8.30 20.30
N VAL D 202 -38.18 -8.43 19.67
CA VAL D 202 -39.38 -7.76 20.13
C VAL D 202 -40.51 -8.78 20.25
N ASN D 203 -41.01 -8.99 21.46
CA ASN D 203 -42.15 -9.87 21.68
C ASN D 203 -41.93 -11.27 21.09
N GLY D 204 -40.74 -11.82 21.24
CA GLY D 204 -40.43 -13.13 20.69
C GLY D 204 -40.06 -13.19 19.21
N THR D 205 -40.02 -12.07 18.51
CA THR D 205 -39.59 -12.14 17.12
C THR D 205 -38.47 -11.14 16.80
N TRP D 206 -37.51 -11.59 16.00
CA TRP D 206 -36.47 -10.71 15.52
C TRP D 206 -37.04 -9.80 14.44
N LEU D 207 -36.92 -8.49 14.63
CA LEU D 207 -37.39 -7.51 13.66
C LEU D 207 -36.16 -6.77 13.14
N GLN D 208 -36.11 -6.52 11.83
CA GLN D 208 -35.00 -5.73 11.31
C GLN D 208 -35.27 -4.25 11.43
N ALA D 209 -34.65 -3.65 12.45
CA ALA D 209 -34.75 -2.21 12.73
C ALA D 209 -34.01 -1.35 11.71
N GLY D 210 -32.86 -1.83 11.25
CA GLY D 210 -31.97 -0.98 10.49
C GLY D 210 -31.10 -1.66 9.46
N VAL D 211 -30.59 -0.84 8.55
CA VAL D 211 -29.64 -1.29 7.54
C VAL D 211 -28.37 -0.47 7.77
N VAL D 212 -27.23 -1.14 7.92
CA VAL D 212 -25.97 -0.44 8.18
C VAL D 212 -25.68 0.57 7.09
N SER D 213 -25.48 1.82 7.49
CA SER D 213 -25.37 2.92 6.52
C SER D 213 -24.05 3.68 6.60
N TRP D 214 -23.83 4.44 7.67
CA TRP D 214 -22.59 5.19 7.74
C TRP D 214 -22.21 5.61 9.14
N GLY D 215 -21.17 6.42 9.23
CA GLY D 215 -20.75 7.02 10.48
C GLY D 215 -19.35 7.58 10.31
N GLU D 216 -18.91 8.43 11.23
CA GLU D 216 -17.52 8.86 11.21
C GLU D 216 -16.68 7.77 11.83
N GLY D 217 -15.98 7.01 10.97
CA GLY D 217 -15.18 5.92 11.47
C GLY D 217 -16.07 4.88 12.16
N CYS D 218 -15.42 4.04 12.95
CA CYS D 218 -16.09 2.94 13.61
C CYS D 218 -15.71 3.01 15.07
N ALA D 219 -16.70 2.99 15.95
CA ALA D 219 -16.49 2.98 17.39
C ALA D 219 -15.66 4.15 17.92
N GLN D 220 -15.77 5.32 17.29
CA GLN D 220 -15.15 6.57 17.74
C GLN D 220 -16.05 7.30 18.71
N PRO D 221 -15.44 8.08 19.64
CA PRO D 221 -16.18 8.86 20.63
C PRO D 221 -17.18 9.85 19.98
N ASN D 222 -18.40 9.91 20.52
CA ASN D 222 -19.42 10.83 20.01
C ASN D 222 -19.83 10.58 18.56
N ARG D 223 -19.55 9.39 18.06
CA ARG D 223 -19.88 9.07 16.66
C ARG D 223 -20.42 7.64 16.54
N PRO D 224 -21.66 7.44 17.01
CA PRO D 224 -22.35 6.14 16.95
C PRO D 224 -22.70 5.79 15.51
N GLY D 225 -22.86 4.49 15.23
CA GLY D 225 -23.21 4.04 13.92
C GLY D 225 -24.59 4.51 13.48
N ILE D 226 -24.68 4.94 12.22
CA ILE D 226 -25.94 5.38 11.65
C ILE D 226 -26.52 4.29 10.75
N TYR D 227 -27.81 4.06 10.91
CA TYR D 227 -28.48 3.03 10.17
C TYR D 227 -29.64 3.66 9.44
N THR D 228 -30.03 3.04 8.33
CA THR D 228 -31.23 3.43 7.66
C THR D 228 -32.37 2.78 8.41
N ARG D 229 -33.37 3.61 8.76
CA ARG D 229 -34.51 3.19 9.55
C ARG D 229 -35.51 2.45 8.67
N VAL D 230 -35.60 1.13 8.85
CA VAL D 230 -36.45 0.33 7.97
C VAL D 230 -37.91 0.80 7.96
N THR D 231 -38.47 1.15 9.13
CA THR D 231 -39.89 1.51 9.21
C THR D 231 -40.22 2.67 8.30
N TYR D 232 -39.23 3.52 8.03
CA TYR D 232 -39.44 4.72 7.25
C TYR D 232 -39.72 4.35 5.79
N TYR D 233 -39.20 3.22 5.34
CA TYR D 233 -39.34 2.86 3.94
C TYR D 233 -40.19 1.60 3.69
N LEU D 234 -41.06 1.25 4.65
CA LEU D 234 -41.94 0.08 4.45
C LEU D 234 -42.75 0.16 3.15
N ASP D 235 -43.34 1.33 2.90
CA ASP D 235 -44.13 1.53 1.67
C ASP D 235 -43.30 1.24 0.42
N TRP D 236 -42.09 1.79 0.36
CA TRP D 236 -41.27 1.62 -0.83
C TRP D 236 -40.90 0.14 -1.00
N ILE D 237 -40.54 -0.52 0.09
CA ILE D 237 -40.21 -1.94 0.03
C ILE D 237 -41.39 -2.77 -0.41
N HIS D 238 -42.57 -2.48 0.13
CA HIS D 238 -43.73 -3.28 -0.22
C HIS D 238 -44.21 -3.04 -1.63
N HIS D 239 -43.70 -2.00 -2.28
CA HIS D 239 -44.06 -1.79 -3.67
C HIS D 239 -43.43 -2.89 -4.53
N TYR D 240 -42.34 -3.47 -4.04
CA TYR D 240 -41.62 -4.48 -4.81
C TYR D 240 -41.70 -5.89 -4.21
N VAL D 241 -41.68 -5.98 -2.89
CA VAL D 241 -41.56 -7.26 -2.20
C VAL D 241 -42.92 -7.75 -1.66
N PRO D 242 -43.37 -8.91 -2.15
CA PRO D 242 -44.66 -9.45 -1.65
C PRO D 242 -44.57 -9.67 -0.14
N LYS D 243 -45.55 -9.17 0.61
C1 2FF E . 11.05 -17.63 -6.42
C2 2FF E . 10.83 -16.92 -5.23
C3 2FF E . 10.12 -17.54 -4.10
C4 2FF E . 9.66 -18.85 -4.19
C5 2FF E . 9.87 -19.58 -5.39
C6 2FF E . 10.58 -18.99 -6.50
O13 2FF E . 10.02 -16.57 -3.01
C8 2FF E . 10.32 -15.27 -3.53
C7 2FF E . 11.14 -15.50 -4.78
C10 2FF E . 12.68 -15.60 -4.55
C11 2FF E . 13.26 -14.19 -4.30
N22 2FF E . 12.68 -13.25 -5.24
C13 2FF E . 11.23 -13.15 -5.44
C14 2FF E . 10.77 -14.53 -5.92
C15 2FF E . 13.48 -12.69 -6.30
C32 2FF E . 14.98 -12.76 -6.35
O35 2FF E . 15.60 -12.93 -7.58
C18 2FF E . 17.00 -12.91 -7.35
C19 2FF E . 17.24 -12.73 -5.98
C20 2FF E . 15.97 -12.62 -5.33
C21 2FF E . 17.98 -13.12 -8.48
C22 2FF E . 18.67 -13.24 -9.42
C46 2FF E . 19.67 -13.40 -10.56
C24 2FF E . 19.23 -13.16 -11.87
C25 2FF E . 20.13 -13.32 -12.95
C26 2FF E . 21.46 -13.73 -12.66
C27 2FF E . 21.89 -13.99 -11.34
C28 2FF E . 20.98 -13.84 -10.27
O61 2FF E . 12.94 -12.15 -7.20
C30 2FF E . 10.81 -19.80 -7.79
N64 2FF E . 9.85 -19.28 -8.76
C1 2FF F . -13.10 15.73 -7.23
C2 2FF F . -12.51 15.26 -6.06
C3 2FF F . -11.49 16.07 -5.36
C4 2FF F . -11.11 17.34 -5.86
C5 2FF F . -11.71 17.81 -7.06
C6 2FF F . -12.72 17.02 -7.75
O13 2FF F . -11.11 15.38 -4.14
C8 2FF F . -11.42 13.99 -4.34
C7 2FF F . -12.61 13.97 -5.25
C10 2FF F . -13.97 14.15 -4.51
C11 2FF F . -14.41 12.81 -3.87
N22 2FF F . -14.11 11.66 -4.71
C13 2FF F . -12.81 11.52 -5.39
C14 2FF F . -12.60 12.77 -6.24
C15 2FF F . -15.21 10.92 -5.32
C32 2FF F . -16.61 11.09 -4.83
O35 2FF F . -17.68 11.00 -5.70
C18 2FF F . -18.85 11.18 -4.96
C19 2FF F . -18.52 11.38 -3.60
C20 2FF F . -17.10 11.32 -3.52
C21 2FF F . -20.18 11.17 -5.63
C22 2FF F . -21.18 11.12 -6.25
C46 2FF F . -22.40 11.04 -7.11
C24 2FF F . -23.58 11.64 -6.66
C25 2FF F . -24.72 11.56 -7.47
C26 2FF F . -24.66 10.86 -8.70
C27 2FF F . -23.46 10.26 -9.13
C28 2FF F . -22.32 10.35 -8.33
O61 2FF F . -15.06 10.33 -6.33
C30 2FF F . -13.35 17.52 -9.05
N64 2FF F . -12.83 16.64 -10.10
C1 2FF G . 21.40 -1.71 4.24
C2 2FF G . 20.52 -1.78 3.14
C3 2FF G . 20.57 -0.78 2.05
C4 2FF G . 21.51 0.26 2.07
C5 2FF G . 22.39 0.32 3.19
C6 2FF G . 22.35 -0.65 4.26
O13 2FF G . 19.57 -1.13 1.05
C8 2FF G . 18.58 -1.92 1.74
C7 2FF G . 19.36 -2.69 2.78
C10 2FF G . 20.11 -3.96 2.25
C11 2FF G . 19.19 -5.21 2.23
N22 2FF G . 18.23 -5.22 3.32
C13 2FF G . 17.51 -4.02 3.74
C14 2FF G . 18.59 -3.00 4.08
C15 2FF G . 18.19 -6.29 4.27
C32 2FF G . 19.01 -7.52 4.07
O35 2FF G . 19.58 -8.11 5.20
C18 2FF G . 20.21 -9.27 4.79
C19 2FF G . 20.04 -9.43 3.38
C20 2FF G . 19.26 -8.31 2.93
C21 2FF G . 20.91 -10.11 5.80
C22 2FF G . 21.49 -10.70 6.63
C46 2FF G . 22.16 -11.50 7.70
C24 2FF G . 23.16 -12.44 7.33
C25 2FF G . 23.77 -13.18 8.35
C26 2FF G . 23.40 -12.99 9.69
C27 2FF G . 22.40 -12.05 10.06
C28 2FF G . 21.76 -11.29 9.04
O61 2FF G . 17.79 -6.12 5.36
C30 2FF G . 23.32 -0.51 5.45
N64 2FF G . 22.54 -0.07 6.61
C1 2FF H . -19.29 3.57 9.36
C2 2FF H . -18.71 3.31 8.11
C3 2FF H . -18.98 2.04 7.41
C4 2FF H . -19.85 1.10 7.98
C5 2FF H . -20.43 1.35 9.25
C6 2FF H . -20.16 2.59 9.95
O13 2FF H . -18.27 2.01 6.14
C8 2FF H . -17.38 3.15 6.07
C7 2FF H . -17.75 4.07 7.21
C10 2FF H . -18.58 5.29 6.74
C11 2FF H . -17.67 6.31 6.00
N22 2FF H . -16.45 6.60 6.73
C13 2FF H . -15.63 5.52 7.30
C14 2FF H . -16.55 4.56 8.08
C15 2FF H . -16.27 7.88 7.36
C32 2FF H . -17.12 9.07 7.08
O35 2FF H . -17.43 9.96 8.12
C18 2FF H . -18.20 11.00 7.55
C19 2FF H . -18.37 10.76 6.17
C20 2FF H . -17.68 9.54 5.86
C21 2FF H . -18.70 12.14 8.41
C22 2FF H . -19.06 12.97 9.16
C46 2FF H . -19.51 13.99 10.18
C24 2FF H . -18.79 14.16 11.39
C25 2FF H . -19.22 15.13 12.30
C26 2FF H . -20.36 15.92 12.00
C27 2FF H . -21.07 15.74 10.80
C28 2FF H . -20.64 14.77 9.88
O61 2FF H . -15.62 7.91 8.35
C30 2FF H . -20.76 2.82 11.33
N64 2FF H . -19.71 2.55 12.30
#